data_5LME
#
_entry.id   5LME
#
loop_
_entity.id
_entity.type
_entity.pdbx_description
1 polymer 'piggyBac transposase'
2 non-polymer 'ZINC ION'
#
_entity_poly.entity_id   1
_entity_poly.type   'polypeptide(L)'
_entity_poly.pdbx_seq_one_letter_code
;VMKKRTYCTYCPSKIRRKANASCKKCKKVICREHNIDMCQSCF
;
_entity_poly.pdbx_strand_id   A
#
# COMPACT_ATOMS: atom_id res chain seq x y z
N VAL A 1 0.98 10.82 -11.85
CA VAL A 1 -0.17 9.90 -11.96
C VAL A 1 -0.30 9.03 -10.71
N MET A 2 0.59 9.25 -9.76
CA MET A 2 0.58 8.46 -8.52
C MET A 2 -0.23 9.19 -7.46
N LYS A 3 -1.54 9.05 -7.53
CA LYS A 3 -2.43 9.70 -6.60
C LYS A 3 -2.99 8.70 -5.62
N LYS A 4 -3.79 9.19 -4.66
CA LYS A 4 -4.38 8.37 -3.58
C LYS A 4 -3.36 7.41 -2.98
N ARG A 5 -2.11 7.86 -2.91
CA ARG A 5 -1.03 7.03 -2.38
C ARG A 5 -0.86 7.29 -0.88
N THR A 6 -1.93 7.76 -0.26
CA THR A 6 -1.98 7.91 1.18
C THR A 6 -2.69 6.70 1.77
N TYR A 7 -3.34 5.94 0.90
CA TYR A 7 -4.13 4.80 1.29
C TYR A 7 -3.57 3.53 0.70
N CYS A 8 -3.61 2.47 1.49
CA CYS A 8 -3.06 1.19 1.12
C CYS A 8 -3.58 0.72 -0.24
N THR A 9 -2.64 0.48 -1.14
CA THR A 9 -2.93 0.03 -2.51
C THR A 9 -3.64 -1.33 -2.50
N TYR A 10 -3.44 -2.09 -1.44
CA TYR A 10 -4.08 -3.40 -1.31
C TYR A 10 -5.48 -3.24 -0.73
N CYS A 11 -5.73 -2.12 -0.07
CA CYS A 11 -7.03 -1.82 0.50
C CYS A 11 -7.89 -1.08 -0.52
N PRO A 12 -9.13 -1.55 -0.75
CA PRO A 12 -10.07 -0.90 -1.65
C PRO A 12 -10.35 0.55 -1.22
N SER A 13 -10.52 1.43 -2.20
CA SER A 13 -10.69 2.85 -1.95
C SER A 13 -11.97 3.15 -1.17
N LYS A 14 -12.90 2.20 -1.15
CA LYS A 14 -14.11 2.34 -0.35
C LYS A 14 -13.83 2.01 1.12
N ILE A 15 -12.76 1.28 1.36
CA ILE A 15 -12.35 0.93 2.71
C ILE A 15 -11.54 2.06 3.33
N ARG A 16 -10.73 2.72 2.50
CA ARG A 16 -9.91 3.85 2.94
C ARG A 16 -9.08 3.50 4.17
N ARG A 17 -8.12 2.61 3.99
CA ARG A 17 -7.18 2.28 5.04
C ARG A 17 -5.90 3.05 4.82
N LYS A 18 -5.53 3.89 5.78
CA LYS A 18 -4.30 4.67 5.69
C LYS A 18 -3.09 3.75 5.56
N ALA A 19 -2.21 4.07 4.65
CA ALA A 19 -1.02 3.27 4.43
C ALA A 19 0.13 3.77 5.29
N ASN A 20 0.42 3.05 6.36
CA ASN A 20 1.51 3.42 7.26
C ASN A 20 2.83 2.92 6.73
N ALA A 21 2.77 1.98 5.80
CA ALA A 21 3.98 1.39 5.24
C ALA A 21 3.98 1.56 3.72
N SER A 22 5.13 1.34 3.11
CA SER A 22 5.27 1.47 1.67
C SER A 22 6.28 0.48 1.14
N CYS A 23 5.91 -0.22 0.08
CA CYS A 23 6.78 -1.20 -0.53
C CYS A 23 7.82 -0.49 -1.40
N LYS A 24 9.08 -0.70 -1.07
CA LYS A 24 10.17 0.10 -1.63
C LYS A 24 10.39 -0.18 -3.11
N LYS A 25 10.26 -1.44 -3.50
CA LYS A 25 10.57 -1.86 -4.87
C LYS A 25 9.60 -1.27 -5.89
N CYS A 26 8.32 -1.15 -5.52
CA CYS A 26 7.32 -0.67 -6.46
C CYS A 26 6.78 0.71 -6.04
N LYS A 27 7.09 1.10 -4.80
CA LYS A 27 6.66 2.38 -4.23
C LYS A 27 5.16 2.41 -4.00
N LYS A 28 4.53 1.23 -3.95
CA LYS A 28 3.12 1.15 -3.60
C LYS A 28 2.96 1.15 -2.09
N VAL A 29 2.07 2.00 -1.61
CA VAL A 29 1.85 2.14 -0.19
C VAL A 29 0.90 1.06 0.31
N ILE A 30 1.19 0.51 1.47
CA ILE A 30 0.42 -0.63 1.98
C ILE A 30 0.16 -0.48 3.46
N CYS A 31 -0.87 -1.18 3.93
CA CYS A 31 -1.15 -1.26 5.34
C CYS A 31 -0.48 -2.50 5.90
N ARG A 32 0.03 -2.40 7.12
CA ARG A 32 0.70 -3.53 7.75
C ARG A 32 -0.30 -4.61 8.11
N GLU A 33 -1.57 -4.26 7.99
CA GLU A 33 -2.67 -5.19 8.15
C GLU A 33 -2.75 -6.10 6.92
N HIS A 34 -2.14 -5.65 5.83
CA HIS A 34 -2.07 -6.44 4.61
C HIS A 34 -0.67 -7.02 4.43
N ASN A 35 0.33 -6.16 4.43
CA ASN A 35 1.70 -6.58 4.19
C ASN A 35 2.66 -5.76 5.03
N ILE A 36 3.68 -6.42 5.57
CA ILE A 36 4.66 -5.75 6.39
C ILE A 36 5.78 -5.16 5.54
N ASP A 37 5.60 -3.90 5.17
CA ASP A 37 6.61 -3.10 4.45
C ASP A 37 6.74 -3.51 2.98
N MET A 38 6.77 -4.81 2.71
CA MET A 38 6.93 -5.30 1.35
C MET A 38 5.61 -5.86 0.84
N CYS A 39 5.22 -5.45 -0.36
CA CYS A 39 3.97 -5.93 -0.94
C CYS A 39 4.18 -7.30 -1.56
N GLN A 40 3.12 -8.08 -1.61
CA GLN A 40 3.16 -9.45 -2.08
C GLN A 40 3.52 -9.54 -3.56
N SER A 41 3.41 -8.42 -4.27
CA SER A 41 3.69 -8.39 -5.70
C SER A 41 5.17 -8.12 -5.99
N CYS A 42 5.99 -8.06 -4.96
CA CYS A 42 7.42 -7.88 -5.14
C CYS A 42 8.20 -9.01 -4.48
N PHE A 43 9.37 -9.31 -5.06
CA PHE A 43 10.25 -10.37 -4.55
C PHE A 43 9.51 -11.70 -4.47
N VAL A 1 -7.62 15.91 -5.02
CA VAL A 1 -6.38 15.22 -5.42
C VAL A 1 -6.57 13.71 -5.37
N MET A 2 -6.19 13.03 -6.45
CA MET A 2 -6.26 11.58 -6.49
C MET A 2 -4.87 11.00 -6.28
N LYS A 3 -4.33 11.21 -5.09
CA LYS A 3 -3.01 10.70 -4.75
C LYS A 3 -3.11 9.21 -4.45
N LYS A 4 -2.70 8.41 -5.41
CA LYS A 4 -2.84 6.96 -5.32
C LYS A 4 -1.94 6.39 -4.24
N ARG A 5 -0.75 6.97 -4.11
CA ARG A 5 0.25 6.47 -3.17
C ARG A 5 0.07 7.05 -1.77
N THR A 6 -1.15 7.42 -1.44
CA THR A 6 -1.49 7.82 -0.07
C THR A 6 -2.35 6.74 0.57
N TYR A 7 -3.10 6.04 -0.26
CA TYR A 7 -3.95 4.97 0.20
C TYR A 7 -3.35 3.63 -0.17
N CYS A 8 -3.49 2.66 0.72
CA CYS A 8 -2.91 1.34 0.52
C CYS A 8 -3.33 0.72 -0.80
N THR A 9 -2.35 0.35 -1.59
CA THR A 9 -2.55 -0.22 -2.91
C THR A 9 -3.23 -1.59 -2.81
N TYR A 10 -2.99 -2.28 -1.70
CA TYR A 10 -3.56 -3.60 -1.49
C TYR A 10 -5.00 -3.49 -0.99
N CYS A 11 -5.34 -2.33 -0.44
CA CYS A 11 -6.70 -2.07 -0.04
C CYS A 11 -7.50 -1.58 -1.24
N PRO A 12 -8.67 -2.21 -1.48
CA PRO A 12 -9.56 -1.82 -2.59
C PRO A 12 -9.87 -0.33 -2.55
N SER A 13 -10.19 0.22 -3.71
CA SER A 13 -10.34 1.67 -3.88
C SER A 13 -11.51 2.22 -3.06
N LYS A 14 -12.47 1.36 -2.74
CA LYS A 14 -13.59 1.76 -1.88
C LYS A 14 -13.21 1.64 -0.42
N ILE A 15 -12.09 0.99 -0.17
CA ILE A 15 -11.58 0.83 1.19
C ILE A 15 -10.45 1.83 1.41
N ARG A 16 -10.83 3.08 1.66
CA ARG A 16 -9.88 4.17 1.79
C ARG A 16 -9.15 4.13 3.14
N ARG A 17 -8.09 3.35 3.19
CA ARG A 17 -7.23 3.30 4.35
C ARG A 17 -5.85 3.83 3.99
N LYS A 18 -5.38 4.81 4.72
CA LYS A 18 -4.10 5.45 4.43
C LYS A 18 -2.96 4.48 4.66
N ALA A 19 -2.04 4.42 3.71
CA ALA A 19 -0.92 3.50 3.77
C ALA A 19 0.08 3.93 4.84
N ASN A 20 0.69 2.95 5.49
CA ASN A 20 1.64 3.21 6.56
C ASN A 20 3.07 3.01 6.07
N ALA A 21 3.26 2.02 5.20
CA ALA A 21 4.58 1.71 4.68
C ALA A 21 4.55 1.65 3.17
N SER A 22 5.72 1.66 2.55
CA SER A 22 5.81 1.59 1.11
C SER A 22 6.81 0.50 0.70
N CYS A 23 6.48 -0.20 -0.37
CA CYS A 23 7.35 -1.23 -0.91
C CYS A 23 8.31 -0.62 -1.93
N LYS A 24 9.57 -0.51 -1.54
CA LYS A 24 10.56 0.24 -2.33
C LYS A 24 10.80 -0.41 -3.69
N LYS A 25 10.57 -1.70 -3.77
CA LYS A 25 10.83 -2.45 -5.00
C LYS A 25 9.92 -1.99 -6.14
N CYS A 26 8.66 -1.72 -5.82
CA CYS A 26 7.69 -1.40 -6.86
C CYS A 26 7.08 -0.02 -6.66
N LYS A 27 7.38 0.61 -5.52
CA LYS A 27 6.87 1.93 -5.17
C LYS A 27 5.36 1.92 -4.96
N LYS A 28 4.85 0.79 -4.47
CA LYS A 28 3.45 0.70 -4.07
C LYS A 28 3.34 0.86 -2.57
N VAL A 29 2.25 1.43 -2.11
CA VAL A 29 2.08 1.71 -0.69
C VAL A 29 1.13 0.72 -0.04
N ILE A 30 1.37 0.40 1.22
CA ILE A 30 0.62 -0.64 1.90
C ILE A 30 0.26 -0.24 3.33
N CYS A 31 -0.86 -0.76 3.82
CA CYS A 31 -1.35 -0.44 5.16
C CYS A 31 -0.78 -1.41 6.18
N ARG A 32 -0.98 -1.13 7.46
CA ARG A 32 -0.48 -2.02 8.52
C ARG A 32 -1.07 -3.43 8.40
N GLU A 33 -2.24 -3.52 7.79
CA GLU A 33 -2.90 -4.81 7.63
C GLU A 33 -2.37 -5.53 6.39
N HIS A 34 -1.61 -4.83 5.58
CA HIS A 34 -1.11 -5.39 4.32
C HIS A 34 0.38 -5.14 4.15
N ASN A 35 1.11 -4.92 5.24
CA ASN A 35 2.54 -4.64 5.13
C ASN A 35 3.41 -5.69 5.80
N ILE A 36 4.49 -6.01 5.13
CA ILE A 36 5.58 -6.78 5.72
C ILE A 36 6.88 -6.02 5.50
N ASP A 37 6.76 -4.68 5.55
CA ASP A 37 7.84 -3.75 5.16
C ASP A 37 8.22 -3.99 3.70
N MET A 38 7.25 -4.50 2.96
CA MET A 38 7.40 -4.87 1.57
C MET A 38 6.04 -5.38 1.11
N CYS A 39 5.77 -5.38 -0.17
CA CYS A 39 4.48 -5.86 -0.64
C CYS A 39 4.62 -7.31 -1.11
N GLN A 40 3.55 -8.06 -0.93
CA GLN A 40 3.53 -9.50 -1.16
C GLN A 40 3.91 -9.86 -2.60
N SER A 41 3.68 -8.95 -3.52
CA SER A 41 3.98 -9.18 -4.93
C SER A 41 5.48 -9.20 -5.18
N CYS A 42 6.24 -8.54 -4.32
CA CYS A 42 7.69 -8.52 -4.43
C CYS A 42 8.32 -9.48 -3.44
N PHE A 43 7.47 -10.28 -2.79
CA PHE A 43 7.94 -11.23 -1.80
C PHE A 43 8.04 -12.62 -2.41
N VAL A 1 -4.33 10.78 -12.28
CA VAL A 1 -4.23 12.10 -11.62
C VAL A 1 -5.01 12.09 -10.31
N MET A 2 -4.39 11.55 -9.27
CA MET A 2 -5.00 11.46 -7.95
C MET A 2 -3.96 11.11 -6.91
N LYS A 3 -4.14 11.59 -5.69
CA LYS A 3 -3.26 11.24 -4.59
C LYS A 3 -3.78 10.01 -3.88
N LYS A 4 -3.42 8.84 -4.38
CA LYS A 4 -3.93 7.59 -3.85
C LYS A 4 -2.85 6.81 -3.11
N ARG A 5 -1.65 7.39 -3.01
CA ARG A 5 -0.56 6.74 -2.27
C ARG A 5 -0.82 6.82 -0.77
N THR A 6 -1.77 7.65 -0.38
CA THR A 6 -2.20 7.72 1.01
C THR A 6 -2.88 6.42 1.43
N TYR A 7 -3.47 5.73 0.46
CA TYR A 7 -4.23 4.52 0.74
C TYR A 7 -3.50 3.29 0.25
N CYS A 8 -3.59 2.23 1.03
CA CYS A 8 -2.96 0.95 0.71
C CYS A 8 -3.43 0.44 -0.65
N THR A 9 -2.47 0.12 -1.51
CA THR A 9 -2.73 -0.36 -2.86
C THR A 9 -3.46 -1.71 -2.84
N TYR A 10 -3.23 -2.48 -1.79
CA TYR A 10 -3.90 -3.77 -1.62
C TYR A 10 -5.31 -3.57 -1.07
N CYS A 11 -5.55 -2.40 -0.48
CA CYS A 11 -6.86 -2.06 0.04
C CYS A 11 -7.66 -1.27 -1.00
N PRO A 12 -8.97 -1.51 -1.08
CA PRO A 12 -9.86 -0.69 -1.89
C PRO A 12 -9.96 0.73 -1.32
N SER A 13 -9.88 1.72 -2.20
CA SER A 13 -9.87 3.12 -1.81
C SER A 13 -11.12 3.50 -1.03
N LYS A 14 -12.22 2.78 -1.29
CA LYS A 14 -13.48 3.04 -0.60
C LYS A 14 -13.42 2.57 0.85
N ILE A 15 -12.42 1.77 1.18
CA ILE A 15 -12.21 1.32 2.55
C ILE A 15 -11.46 2.39 3.35
N ARG A 16 -10.76 3.25 2.61
CA ARG A 16 -10.02 4.38 3.17
C ARG A 16 -8.95 3.90 4.14
N ARG A 17 -8.37 2.74 3.86
CA ARG A 17 -7.34 2.17 4.71
C ARG A 17 -5.98 2.76 4.35
N LYS A 18 -5.52 3.69 5.17
CA LYS A 18 -4.27 4.39 4.92
C LYS A 18 -3.08 3.43 4.95
N ALA A 19 -2.11 3.71 4.10
CA ALA A 19 -0.93 2.87 3.97
C ALA A 19 0.21 3.41 4.82
N ASN A 20 0.40 2.81 5.98
CA ASN A 20 1.47 3.22 6.89
C ASN A 20 2.79 2.57 6.51
N ALA A 21 2.76 1.76 5.45
CA ALA A 21 3.95 1.11 4.94
C ALA A 21 4.00 1.26 3.43
N SER A 22 5.17 1.03 2.85
CA SER A 22 5.35 1.16 1.42
C SER A 22 6.37 0.16 0.90
N CYS A 23 5.97 -0.62 -0.10
CA CYS A 23 6.84 -1.61 -0.69
C CYS A 23 7.87 -0.92 -1.56
N LYS A 24 9.06 -0.75 -1.03
CA LYS A 24 10.12 0.00 -1.69
C LYS A 24 10.64 -0.73 -2.92
N LYS A 25 10.28 -2.01 -3.05
CA LYS A 25 10.72 -2.81 -4.18
C LYS A 25 9.99 -2.43 -5.46
N CYS A 26 8.73 -2.03 -5.33
CA CYS A 26 7.94 -1.68 -6.51
C CYS A 26 7.29 -0.29 -6.37
N LYS A 27 7.49 0.33 -5.21
CA LYS A 27 6.98 1.67 -4.93
C LYS A 27 5.45 1.70 -4.84
N LYS A 28 4.89 0.63 -4.30
CA LYS A 28 3.45 0.58 -4.03
C LYS A 28 3.21 0.60 -2.54
N VAL A 29 2.25 1.41 -2.11
CA VAL A 29 1.99 1.60 -0.70
C VAL A 29 1.07 0.51 -0.16
N ILE A 30 1.30 0.12 1.08
CA ILE A 30 0.56 -1.00 1.66
C ILE A 30 0.24 -0.74 3.13
N CYS A 31 -0.81 -1.39 3.61
CA CYS A 31 -1.15 -1.31 5.01
C CYS A 31 -0.50 -2.50 5.73
N ARG A 32 -0.08 -2.28 6.96
CA ARG A 32 0.62 -3.31 7.72
C ARG A 32 -0.32 -4.43 8.14
N GLU A 33 -1.59 -4.26 7.81
CA GLU A 33 -2.59 -5.30 8.00
C GLU A 33 -2.54 -6.27 6.82
N HIS A 34 -2.07 -5.76 5.68
CA HIS A 34 -1.92 -6.58 4.48
C HIS A 34 -0.48 -7.09 4.38
N ASN A 35 0.45 -6.16 4.29
CA ASN A 35 1.86 -6.49 4.14
C ASN A 35 2.69 -5.62 5.07
N ILE A 36 3.64 -6.25 5.74
CA ILE A 36 4.41 -5.61 6.81
C ILE A 36 5.34 -4.51 6.29
N ASP A 37 5.85 -4.66 5.06
CA ASP A 37 6.80 -3.70 4.50
C ASP A 37 6.93 -3.87 3.00
N MET A 38 7.19 -5.09 2.57
CA MET A 38 7.22 -5.40 1.14
C MET A 38 5.93 -6.09 0.75
N CYS A 39 5.44 -5.79 -0.43
CA CYS A 39 4.17 -6.33 -0.89
C CYS A 39 4.36 -7.77 -1.32
N GLN A 40 3.27 -8.53 -1.28
CA GLN A 40 3.30 -9.96 -1.58
C GLN A 40 3.70 -10.22 -3.04
N SER A 41 3.53 -9.22 -3.89
CA SER A 41 3.89 -9.37 -5.30
C SER A 41 5.41 -9.30 -5.48
N CYS A 42 6.11 -8.84 -4.45
CA CYS A 42 7.56 -8.81 -4.48
C CYS A 42 8.12 -9.92 -3.59
N PHE A 43 9.41 -9.84 -3.27
CA PHE A 43 10.07 -10.86 -2.47
C PHE A 43 9.47 -10.92 -1.07
N VAL A 1 0.29 17.38 -7.37
CA VAL A 1 -0.04 16.07 -7.96
C VAL A 1 -0.97 15.29 -7.03
N MET A 2 -1.91 14.55 -7.61
CA MET A 2 -2.83 13.75 -6.82
C MET A 2 -2.16 12.47 -6.35
N LYS A 3 -1.90 12.40 -5.07
CA LYS A 3 -1.25 11.23 -4.48
C LYS A 3 -2.28 10.18 -4.12
N LYS A 4 -2.77 9.49 -5.14
CA LYS A 4 -3.76 8.44 -4.95
C LYS A 4 -3.17 7.26 -4.20
N ARG A 5 -1.84 7.14 -4.26
CA ARG A 5 -1.14 6.08 -3.55
C ARG A 5 -0.87 6.49 -2.11
N THR A 6 -1.92 6.97 -1.45
CA THR A 6 -1.87 7.26 -0.02
C THR A 6 -2.66 6.18 0.73
N TYR A 7 -3.47 5.46 -0.03
CA TYR A 7 -4.29 4.40 0.52
C TYR A 7 -3.72 3.05 0.09
N CYS A 8 -3.79 2.10 1.01
CA CYS A 8 -3.22 0.78 0.82
C CYS A 8 -3.71 0.13 -0.47
N THR A 9 -2.76 -0.26 -1.31
CA THR A 9 -3.06 -0.85 -2.61
C THR A 9 -3.64 -2.26 -2.46
N TYR A 10 -3.28 -2.94 -1.38
CA TYR A 10 -3.82 -4.27 -1.11
C TYR A 10 -5.25 -4.18 -0.59
N CYS A 11 -5.59 -3.01 -0.07
CA CYS A 11 -6.95 -2.76 0.39
C CYS A 11 -7.80 -2.23 -0.75
N PRO A 12 -9.06 -2.68 -0.84
CA PRO A 12 -10.01 -2.18 -1.83
C PRO A 12 -10.30 -0.69 -1.62
N SER A 13 -10.41 0.04 -2.72
CA SER A 13 -10.60 1.49 -2.68
C SER A 13 -11.87 1.89 -1.93
N LYS A 14 -12.84 0.98 -1.87
CA LYS A 14 -14.08 1.23 -1.14
C LYS A 14 -13.86 1.13 0.37
N ILE A 15 -12.77 0.49 0.77
CA ILE A 15 -12.43 0.37 2.18
C ILE A 15 -11.76 1.65 2.65
N ARG A 16 -11.01 2.29 1.75
CA ARG A 16 -10.32 3.54 2.06
C ARG A 16 -9.43 3.39 3.29
N ARG A 17 -8.58 2.39 3.25
CA ARG A 17 -7.65 2.12 4.34
C ARG A 17 -6.34 2.83 4.07
N LYS A 18 -5.98 3.78 4.94
CA LYS A 18 -4.74 4.53 4.80
C LYS A 18 -3.54 3.59 4.82
N ALA A 19 -2.55 3.90 4.01
CA ALA A 19 -1.33 3.10 3.97
C ALA A 19 -0.34 3.60 5.01
N ASN A 20 0.34 2.67 5.66
CA ASN A 20 1.28 3.02 6.72
C ASN A 20 2.70 2.71 6.30
N ALA A 21 2.83 1.98 5.20
CA ALA A 21 4.12 1.61 4.68
C ALA A 21 4.09 1.66 3.16
N SER A 22 5.25 1.54 2.54
CA SER A 22 5.35 1.61 1.09
C SER A 22 6.41 0.65 0.57
N CYS A 23 6.06 -0.14 -0.42
CA CYS A 23 6.99 -1.05 -1.06
C CYS A 23 7.87 -0.28 -2.03
N LYS A 24 9.08 0.02 -1.60
CA LYS A 24 10.01 0.85 -2.37
C LYS A 24 10.27 0.28 -3.76
N LYS A 25 10.21 -1.05 -3.88
CA LYS A 25 10.56 -1.71 -5.12
C LYS A 25 9.57 -1.46 -6.24
N CYS A 26 8.30 -1.26 -5.91
CA CYS A 26 7.28 -1.05 -6.94
C CYS A 26 6.49 0.24 -6.70
N LYS A 27 6.78 0.90 -5.58
CA LYS A 27 6.13 2.16 -5.20
C LYS A 27 4.64 1.97 -4.91
N LYS A 28 4.28 0.78 -4.46
CA LYS A 28 2.91 0.53 -4.01
C LYS A 28 2.84 0.65 -2.50
N VAL A 29 1.80 1.31 -2.01
CA VAL A 29 1.66 1.56 -0.59
C VAL A 29 0.77 0.52 0.09
N ILE A 30 1.07 0.20 1.34
CA ILE A 30 0.41 -0.88 2.04
C ILE A 30 0.08 -0.51 3.49
N CYS A 31 -0.98 -1.12 4.03
CA CYS A 31 -1.43 -0.83 5.39
C CYS A 31 -0.78 -1.79 6.38
N ARG A 32 -0.91 -1.51 7.67
CA ARG A 32 -0.30 -2.36 8.69
C ARG A 32 -0.74 -3.83 8.56
N GLU A 33 -1.98 -4.02 8.17
CA GLU A 33 -2.53 -5.37 8.06
C GLU A 33 -2.01 -6.07 6.81
N HIS A 34 -1.41 -5.31 5.91
CA HIS A 34 -0.95 -5.85 4.64
C HIS A 34 0.52 -5.55 4.38
N ASN A 35 1.26 -5.13 5.39
CA ASN A 35 2.64 -4.71 5.15
C ASN A 35 3.67 -5.67 5.73
N ILE A 36 4.73 -5.85 4.94
CA ILE A 36 5.97 -6.42 5.42
C ILE A 36 7.10 -5.47 5.02
N ASP A 37 6.75 -4.18 5.04
CA ASP A 37 7.55 -3.08 4.50
C ASP A 37 7.58 -3.14 2.98
N MET A 38 7.90 -4.30 2.47
CA MET A 38 7.82 -4.59 1.05
C MET A 38 6.42 -5.17 0.78
N CYS A 39 6.01 -5.23 -0.47
CA CYS A 39 4.75 -5.86 -0.80
C CYS A 39 5.01 -7.30 -1.18
N GLN A 40 4.02 -8.15 -0.98
CA GLN A 40 4.16 -9.58 -1.19
C GLN A 40 4.25 -9.93 -2.66
N SER A 41 4.02 -8.93 -3.51
CA SER A 41 4.13 -9.11 -4.95
C SER A 41 5.59 -8.92 -5.40
N CYS A 42 6.41 -8.34 -4.53
CA CYS A 42 7.85 -8.24 -4.78
C CYS A 42 8.59 -9.24 -3.91
N PHE A 43 7.84 -10.03 -3.15
CA PHE A 43 8.42 -11.00 -2.23
C PHE A 43 8.80 -12.26 -2.98
N VAL A 1 0.47 4.77 -10.44
CA VAL A 1 0.23 6.11 -9.86
C VAL A 1 0.76 6.18 -8.43
N MET A 2 1.81 6.97 -8.21
CA MET A 2 2.42 7.07 -6.90
C MET A 2 1.93 8.30 -6.14
N LYS A 3 1.24 9.20 -6.83
CA LYS A 3 0.70 10.38 -6.18
C LYS A 3 -0.71 10.13 -5.69
N LYS A 4 -1.13 10.88 -4.67
CA LYS A 4 -2.41 10.69 -4.02
C LYS A 4 -2.56 9.27 -3.52
N ARG A 5 -1.56 8.83 -2.80
CA ARG A 5 -1.53 7.47 -2.27
C ARG A 5 -1.44 7.48 -0.76
N THR A 6 -2.47 7.99 -0.12
CA THR A 6 -2.58 8.01 1.32
C THR A 6 -3.17 6.70 1.83
N TYR A 7 -3.91 6.04 0.96
CA TYR A 7 -4.61 4.82 1.34
C TYR A 7 -3.94 3.60 0.72
N CYS A 8 -3.98 2.50 1.46
CA CYS A 8 -3.36 1.25 1.05
C CYS A 8 -3.85 0.80 -0.31
N THR A 9 -2.90 0.58 -1.22
CA THR A 9 -3.20 0.17 -2.58
C THR A 9 -3.82 -1.22 -2.64
N TYR A 10 -3.55 -2.02 -1.61
CA TYR A 10 -4.10 -3.37 -1.55
C TYR A 10 -5.49 -3.36 -0.92
N CYS A 11 -5.80 -2.27 -0.22
CA CYS A 11 -7.14 -2.08 0.33
C CYS A 11 -8.06 -1.49 -0.72
N PRO A 12 -9.27 -2.04 -0.87
CA PRO A 12 -10.28 -1.52 -1.79
C PRO A 12 -10.62 -0.06 -1.48
N SER A 13 -10.88 0.72 -2.51
CA SER A 13 -11.12 2.16 -2.37
C SER A 13 -12.42 2.43 -1.58
N LYS A 14 -13.27 1.42 -1.46
CA LYS A 14 -14.47 1.53 -0.63
C LYS A 14 -14.08 1.49 0.84
N ILE A 15 -12.86 1.05 1.10
CA ILE A 15 -12.32 1.01 2.45
C ILE A 15 -11.10 1.92 2.54
N ARG A 16 -11.35 3.19 2.85
CA ARG A 16 -10.29 4.18 2.95
C ARG A 16 -9.44 3.96 4.20
N ARG A 17 -8.59 2.95 4.14
CA ARG A 17 -7.67 2.66 5.23
C ARG A 17 -6.30 3.23 4.90
N LYS A 18 -5.75 4.00 5.81
CA LYS A 18 -4.50 4.72 5.57
C LYS A 18 -3.35 3.73 5.43
N ALA A 19 -2.45 4.02 4.51
CA ALA A 19 -1.30 3.18 4.26
C ALA A 19 -0.19 3.50 5.25
N ASN A 20 -0.03 2.66 6.25
CA ASN A 20 0.98 2.88 7.29
C ASN A 20 2.35 2.41 6.83
N ALA A 21 2.46 2.03 5.56
CA ALA A 21 3.72 1.58 5.00
C ALA A 21 3.73 1.77 3.48
N SER A 22 4.89 1.60 2.89
CA SER A 22 5.05 1.75 1.46
C SER A 22 6.06 0.72 0.94
N CYS A 23 5.68 0.00 -0.09
CA CYS A 23 6.53 -1.04 -0.65
C CYS A 23 7.65 -0.40 -1.47
N LYS A 24 8.88 -0.59 -1.02
CA LYS A 24 10.01 0.13 -1.57
C LYS A 24 10.32 -0.28 -3.02
N LYS A 25 9.98 -1.52 -3.38
CA LYS A 25 10.34 -2.03 -4.70
C LYS A 25 9.48 -1.43 -5.80
N CYS A 26 8.20 -1.20 -5.51
CA CYS A 26 7.28 -0.69 -6.54
C CYS A 26 6.77 0.70 -6.18
N LYS A 27 7.10 1.15 -4.97
CA LYS A 27 6.71 2.47 -4.47
C LYS A 27 5.19 2.59 -4.30
N LYS A 28 4.53 1.46 -4.12
CA LYS A 28 3.10 1.44 -3.85
C LYS A 28 2.84 1.36 -2.36
N VAL A 29 1.96 2.21 -1.86
CA VAL A 29 1.66 2.27 -0.43
C VAL A 29 0.74 1.12 -0.02
N ILE A 30 0.96 0.62 1.18
CA ILE A 30 0.23 -0.54 1.68
C ILE A 30 -0.05 -0.42 3.17
N CYS A 31 -1.01 -1.21 3.65
CA CYS A 31 -1.25 -1.30 5.08
C CYS A 31 -0.52 -2.53 5.60
N ARG A 32 0.02 -2.44 6.81
CA ARG A 32 0.84 -3.51 7.36
C ARG A 32 -0.02 -4.71 7.76
N GLU A 33 -1.33 -4.54 7.70
CA GLU A 33 -2.25 -5.65 7.91
C GLU A 33 -2.44 -6.41 6.60
N HIS A 34 -2.00 -5.82 5.51
CA HIS A 34 -1.98 -6.50 4.23
C HIS A 34 -0.58 -7.03 3.96
N ASN A 35 0.40 -6.14 3.96
CA ASN A 35 1.78 -6.50 3.68
C ASN A 35 2.70 -5.71 4.59
N ILE A 36 3.75 -6.36 5.08
CA ILE A 36 4.67 -5.72 6.00
C ILE A 36 5.76 -4.97 5.25
N ASP A 37 5.46 -3.71 4.91
CA ASP A 37 6.41 -2.81 4.25
C ASP A 37 6.69 -3.18 2.80
N MET A 38 6.70 -4.47 2.50
CA MET A 38 6.91 -4.93 1.14
C MET A 38 5.67 -5.67 0.66
N CYS A 39 5.18 -5.30 -0.52
CA CYS A 39 3.92 -5.82 -1.02
C CYS A 39 4.14 -7.19 -1.65
N GLN A 40 3.09 -8.01 -1.58
CA GLN A 40 3.13 -9.41 -1.98
C GLN A 40 3.49 -9.58 -3.46
N SER A 41 3.19 -8.58 -4.27
CA SER A 41 3.51 -8.62 -5.68
C SER A 41 5.01 -8.54 -5.92
N CYS A 42 5.73 -8.00 -4.95
CA CYS A 42 7.17 -7.89 -5.03
C CYS A 42 7.84 -9.02 -4.25
N PHE A 43 7.57 -9.08 -2.96
CA PHE A 43 8.19 -10.06 -2.09
C PHE A 43 7.15 -10.72 -1.21
N VAL A 1 -7.13 9.98 -7.34
CA VAL A 1 -7.45 11.31 -6.79
C VAL A 1 -6.85 11.47 -5.40
N MET A 2 -6.40 12.68 -5.09
CA MET A 2 -5.77 12.99 -3.79
C MET A 2 -4.59 12.09 -3.53
N LYS A 3 -3.79 11.87 -4.59
CA LYS A 3 -2.61 11.02 -4.52
C LYS A 3 -2.97 9.59 -4.11
N LYS A 4 -3.30 8.78 -5.10
CA LYS A 4 -3.68 7.39 -4.89
C LYS A 4 -2.55 6.62 -4.19
N ARG A 5 -1.32 7.03 -4.42
CA ARG A 5 -0.16 6.36 -3.83
C ARG A 5 0.05 6.76 -2.37
N THR A 6 -1.01 7.25 -1.75
CA THR A 6 -1.02 7.51 -0.32
C THR A 6 -1.86 6.43 0.37
N TYR A 7 -2.66 5.75 -0.43
CA TYR A 7 -3.52 4.69 0.06
C TYR A 7 -2.99 3.35 -0.38
N CYS A 8 -3.13 2.36 0.49
CA CYS A 8 -2.62 1.03 0.26
C CYS A 8 -3.06 0.47 -1.09
N THR A 9 -2.08 0.06 -1.87
CA THR A 9 -2.29 -0.47 -3.20
C THR A 9 -3.02 -1.82 -3.16
N TYR A 10 -2.91 -2.52 -2.04
CA TYR A 10 -3.52 -3.84 -1.90
C TYR A 10 -4.87 -3.75 -1.20
N CYS A 11 -5.30 -2.55 -0.93
CA CYS A 11 -6.60 -2.33 -0.33
C CYS A 11 -7.55 -1.66 -1.33
N PRO A 12 -8.77 -2.19 -1.46
CA PRO A 12 -9.78 -1.64 -2.38
C PRO A 12 -10.12 -0.19 -2.07
N SER A 13 -10.46 0.55 -3.12
CA SER A 13 -10.74 1.98 -3.01
C SER A 13 -12.00 2.27 -2.20
N LYS A 14 -12.78 1.24 -1.92
CA LYS A 14 -13.94 1.37 -1.05
C LYS A 14 -13.53 1.18 0.42
N ILE A 15 -12.32 0.67 0.63
CA ILE A 15 -11.81 0.44 1.97
C ILE A 15 -10.91 1.60 2.38
N ARG A 16 -9.99 1.96 1.49
CA ARG A 16 -9.10 3.12 1.69
C ARG A 16 -8.35 3.05 3.02
N ARG A 17 -7.33 2.21 3.05
CA ARG A 17 -6.45 2.15 4.20
C ARG A 17 -5.20 2.98 3.90
N LYS A 18 -4.95 3.99 4.73
CA LYS A 18 -3.80 4.85 4.56
C LYS A 18 -2.52 4.02 4.63
N ALA A 19 -1.66 4.18 3.65
CA ALA A 19 -0.44 3.39 3.57
C ALA A 19 0.60 3.90 4.55
N ASN A 20 0.82 3.15 5.62
CA ASN A 20 1.82 3.53 6.63
C ASN A 20 3.17 2.92 6.29
N ALA A 21 3.18 2.06 5.27
CA ALA A 21 4.38 1.40 4.84
C ALA A 21 4.44 1.38 3.32
N SER A 22 5.58 1.02 2.76
CA SER A 22 5.74 0.98 1.33
C SER A 22 6.69 -0.14 0.92
N CYS A 23 6.45 -0.69 -0.27
CA CYS A 23 7.34 -1.67 -0.85
C CYS A 23 8.43 -0.96 -1.61
N LYS A 24 9.57 -0.76 -0.95
CA LYS A 24 10.67 0.00 -1.54
C LYS A 24 11.19 -0.68 -2.82
N LYS A 25 10.92 -1.97 -2.94
CA LYS A 25 11.35 -2.75 -4.09
C LYS A 25 10.73 -2.26 -5.39
N CYS A 26 9.46 -1.85 -5.35
CA CYS A 26 8.78 -1.40 -6.56
C CYS A 26 8.13 -0.03 -6.36
N LYS A 27 8.23 0.49 -5.14
CA LYS A 27 7.70 1.81 -4.78
C LYS A 27 6.16 1.84 -4.78
N LYS A 28 5.55 0.73 -4.38
CA LYS A 28 4.10 0.68 -4.19
C LYS A 28 3.78 0.69 -2.70
N VAL A 29 2.84 1.51 -2.31
CA VAL A 29 2.54 1.72 -0.89
C VAL A 29 1.55 0.69 -0.36
N ILE A 30 1.69 0.35 0.93
CA ILE A 30 0.86 -0.67 1.56
C ILE A 30 0.46 -0.26 2.99
N CYS A 31 -0.62 -0.86 3.49
CA CYS A 31 -1.17 -0.50 4.79
C CYS A 31 -0.55 -1.35 5.89
N ARG A 32 -0.89 -1.04 7.14
CA ARG A 32 -0.39 -1.79 8.28
C ARG A 32 -1.01 -3.18 8.33
N GLU A 33 -2.11 -3.35 7.60
CA GLU A 33 -2.75 -4.65 7.49
C GLU A 33 -2.09 -5.46 6.38
N HIS A 34 -1.25 -4.80 5.59
CA HIS A 34 -0.58 -5.43 4.46
C HIS A 34 0.91 -5.10 4.45
N ASN A 35 1.48 -4.83 5.62
CA ASN A 35 2.87 -4.38 5.67
C ASN A 35 3.87 -5.51 5.80
N ILE A 36 4.63 -5.72 4.74
CA ILE A 36 5.78 -6.60 4.79
C ILE A 36 7.02 -5.74 4.59
N ASP A 37 6.80 -4.42 4.51
CA ASP A 37 7.79 -3.47 4.01
C ASP A 37 8.19 -3.87 2.59
N MET A 38 7.28 -4.61 2.00
CA MET A 38 7.42 -5.18 0.67
C MET A 38 6.05 -5.70 0.27
N CYS A 39 5.70 -5.54 -0.97
CA CYS A 39 4.38 -5.92 -1.43
C CYS A 39 4.38 -7.37 -1.83
N GLN A 40 3.19 -7.98 -1.80
CA GLN A 40 3.03 -9.41 -2.03
C GLN A 40 3.39 -9.81 -3.46
N SER A 41 3.53 -8.82 -4.34
CA SER A 41 3.94 -9.09 -5.71
C SER A 41 5.45 -9.27 -5.79
N CYS A 42 6.18 -8.59 -4.90
CA CYS A 42 7.64 -8.74 -4.84
C CYS A 42 8.01 -9.85 -3.86
N PHE A 43 7.08 -10.17 -2.97
CA PHE A 43 7.31 -11.18 -1.95
C PHE A 43 6.95 -12.57 -2.47
N VAL A 1 -1.19 16.59 -6.27
CA VAL A 1 -2.62 16.71 -5.90
C VAL A 1 -3.40 15.45 -6.29
N MET A 2 -2.70 14.33 -6.38
CA MET A 2 -3.34 13.06 -6.71
C MET A 2 -2.77 11.96 -5.81
N LYS A 3 -3.31 11.88 -4.61
CA LYS A 3 -2.80 10.96 -3.60
C LYS A 3 -3.37 9.56 -3.78
N LYS A 4 -2.99 8.92 -4.87
CA LYS A 4 -3.41 7.57 -5.15
C LYS A 4 -2.57 6.59 -4.34
N ARG A 5 -1.29 6.88 -4.22
CA ARG A 5 -0.37 6.05 -3.45
C ARG A 5 -0.25 6.57 -2.03
N THR A 6 -1.39 6.94 -1.47
CA THR A 6 -1.46 7.32 -0.07
C THR A 6 -2.37 6.33 0.67
N TYR A 7 -3.21 5.66 -0.10
CA TYR A 7 -4.08 4.62 0.42
C TYR A 7 -3.55 3.27 -0.02
N CYS A 8 -3.72 2.27 0.84
CA CYS A 8 -3.17 0.95 0.62
C CYS A 8 -3.57 0.39 -0.74
N THR A 9 -2.55 0.03 -1.53
CA THR A 9 -2.75 -0.55 -2.85
C THR A 9 -3.36 -1.93 -2.76
N TYR A 10 -3.03 -2.65 -1.68
CA TYR A 10 -3.57 -3.99 -1.44
C TYR A 10 -5.04 -3.91 -1.05
N CYS A 11 -5.43 -2.79 -0.47
CA CYS A 11 -6.81 -2.56 -0.10
C CYS A 11 -7.56 -1.90 -1.24
N PRO A 12 -8.80 -2.33 -1.51
CA PRO A 12 -9.67 -1.66 -2.48
C PRO A 12 -9.89 -0.22 -2.08
N SER A 13 -9.87 0.68 -3.06
CA SER A 13 -9.95 2.11 -2.79
C SER A 13 -11.26 2.50 -2.11
N LYS A 14 -12.27 1.64 -2.23
CA LYS A 14 -13.55 1.86 -1.57
C LYS A 14 -13.45 1.63 -0.07
N ILE A 15 -12.39 0.96 0.37
CA ILE A 15 -12.21 0.65 1.77
C ILE A 15 -11.65 1.85 2.53
N ARG A 16 -11.01 2.75 1.77
CA ARG A 16 -10.46 4.00 2.30
C ARG A 16 -9.37 3.73 3.35
N ARG A 17 -8.63 2.65 3.14
CA ARG A 17 -7.62 2.23 4.09
C ARG A 17 -6.31 2.98 3.84
N LYS A 18 -5.89 3.77 4.81
CA LYS A 18 -4.68 4.57 4.68
C LYS A 18 -3.45 3.68 4.74
N ALA A 19 -2.42 4.04 3.98
CA ALA A 19 -1.21 3.26 3.93
C ALA A 19 -0.08 3.94 4.69
N ASN A 20 0.41 3.28 5.73
CA ASN A 20 1.55 3.79 6.50
C ASN A 20 2.77 2.93 6.23
N ALA A 21 2.71 2.15 5.16
CA ALA A 21 3.82 1.30 4.75
C ALA A 21 3.94 1.32 3.23
N SER A 22 5.07 0.87 2.72
CA SER A 22 5.31 0.89 1.29
C SER A 22 6.30 -0.20 0.88
N CYS A 23 5.98 -0.94 -0.17
CA CYS A 23 6.89 -1.95 -0.68
C CYS A 23 8.01 -1.28 -1.46
N LYS A 24 9.24 -1.46 -1.00
CA LYS A 24 10.39 -0.84 -1.64
C LYS A 24 10.69 -1.50 -2.99
N LYS A 25 10.17 -2.71 -3.18
CA LYS A 25 10.39 -3.43 -4.43
C LYS A 25 9.18 -3.31 -5.36
N CYS A 26 8.31 -2.35 -5.07
CA CYS A 26 7.18 -2.05 -5.96
C CYS A 26 6.88 -0.54 -6.01
N LYS A 27 7.31 0.17 -4.97
CA LYS A 27 7.00 1.58 -4.79
C LYS A 27 5.50 1.78 -4.58
N LYS A 28 4.83 0.70 -4.19
CA LYS A 28 3.40 0.72 -3.93
C LYS A 28 3.18 0.72 -2.42
N VAL A 29 2.19 1.48 -1.98
CA VAL A 29 1.93 1.64 -0.56
C VAL A 29 0.95 0.60 -0.05
N ILE A 30 1.16 0.15 1.17
CA ILE A 30 0.33 -0.88 1.77
C ILE A 30 -0.02 -0.52 3.20
N CYS A 31 -1.12 -1.06 3.70
CA CYS A 31 -1.54 -0.80 5.07
C CYS A 31 -0.85 -1.79 6.00
N ARG A 32 -0.53 -1.33 7.19
CA ARG A 32 0.18 -2.13 8.17
C ARG A 32 -0.68 -3.30 8.64
N GLU A 33 -1.97 -3.22 8.35
CA GLU A 33 -2.91 -4.30 8.65
C GLU A 33 -2.77 -5.41 7.60
N HIS A 34 -2.21 -5.04 6.44
CA HIS A 34 -1.94 -6.01 5.38
C HIS A 34 -0.52 -6.53 5.52
N ASN A 35 0.41 -5.61 5.74
CA ASN A 35 1.80 -5.95 6.02
C ASN A 35 2.51 -4.72 6.56
N ILE A 36 3.58 -4.95 7.30
CA ILE A 36 4.27 -3.89 8.00
C ILE A 36 5.19 -3.07 7.07
N ASP A 37 5.57 -3.65 5.92
CA ASP A 37 6.52 -2.98 5.03
C ASP A 37 6.62 -3.64 3.66
N MET A 38 6.74 -4.96 3.64
CA MET A 38 7.02 -5.67 2.40
C MET A 38 5.74 -6.19 1.76
N CYS A 39 5.79 -6.42 0.45
CA CYS A 39 4.65 -6.98 -0.25
C CYS A 39 5.03 -8.26 -0.97
N GLN A 40 4.18 -9.27 -0.88
CA GLN A 40 4.49 -10.60 -1.40
C GLN A 40 4.05 -10.76 -2.85
N SER A 41 4.00 -9.66 -3.57
CA SER A 41 3.63 -9.70 -4.98
C SER A 41 4.76 -9.16 -5.84
N CYS A 42 5.99 -9.57 -5.53
CA CYS A 42 7.15 -9.16 -6.31
C CYS A 42 8.31 -10.14 -6.12
N PHE A 43 9.13 -9.87 -5.13
CA PHE A 43 10.28 -10.70 -4.84
C PHE A 43 10.16 -11.26 -3.43
N VAL A 1 -3.41 19.02 -5.80
CA VAL A 1 -2.72 17.84 -5.24
C VAL A 1 -3.05 16.59 -6.05
N MET A 2 -2.02 15.86 -6.44
CA MET A 2 -2.19 14.68 -7.27
C MET A 2 -1.58 13.46 -6.59
N LYS A 3 -2.37 12.81 -5.76
CA LYS A 3 -1.92 11.61 -5.06
C LYS A 3 -2.84 10.44 -5.34
N LYS A 4 -2.28 9.38 -5.91
CA LYS A 4 -3.03 8.15 -6.17
C LYS A 4 -2.57 7.05 -5.22
N ARG A 5 -1.52 7.33 -4.46
CA ARG A 5 -0.94 6.34 -3.57
C ARG A 5 -1.06 6.77 -2.11
N THR A 6 -2.24 7.25 -1.73
CA THR A 6 -2.49 7.61 -0.34
C THR A 6 -3.18 6.46 0.38
N TYR A 7 -3.87 5.63 -0.38
CA TYR A 7 -4.59 4.51 0.20
C TYR A 7 -3.92 3.20 -0.17
N CYS A 8 -3.94 2.27 0.78
CA CYS A 8 -3.28 0.98 0.66
C CYS A 8 -3.75 0.22 -0.59
N THR A 9 -2.78 -0.21 -1.38
CA THR A 9 -3.05 -0.92 -2.62
C THR A 9 -3.64 -2.31 -2.36
N TYR A 10 -3.34 -2.87 -1.20
CA TYR A 10 -3.83 -4.20 -0.85
C TYR A 10 -5.19 -4.12 -0.16
N CYS A 11 -5.55 -2.94 0.30
CA CYS A 11 -6.86 -2.72 0.86
C CYS A 11 -7.85 -2.41 -0.26
N PRO A 12 -8.96 -3.15 -0.32
CA PRO A 12 -9.98 -3.00 -1.36
C PRO A 12 -10.46 -1.55 -1.47
N SER A 13 -10.73 -1.13 -2.70
CA SER A 13 -11.08 0.25 -3.00
C SER A 13 -12.38 0.69 -2.31
N LYS A 14 -13.21 -0.28 -1.93
CA LYS A 14 -14.45 0.03 -1.23
C LYS A 14 -14.22 0.05 0.29
N ILE A 15 -12.99 -0.22 0.70
CA ILE A 15 -12.61 -0.14 2.10
C ILE A 15 -11.95 1.21 2.37
N ARG A 16 -11.08 1.63 1.45
CA ARG A 16 -10.40 2.91 1.54
C ARG A 16 -9.64 3.06 2.86
N ARG A 17 -8.53 2.34 2.96
CA ARG A 17 -7.69 2.40 4.14
C ARG A 17 -6.37 3.09 3.82
N LYS A 18 -6.04 4.10 4.62
CA LYS A 18 -4.83 4.89 4.42
C LYS A 18 -3.58 4.01 4.43
N ALA A 19 -2.64 4.30 3.55
CA ALA A 19 -1.38 3.57 3.51
C ALA A 19 -0.37 4.20 4.44
N ASN A 20 0.41 3.36 5.11
CA ASN A 20 1.36 3.82 6.12
C ASN A 20 2.79 3.52 5.69
N ALA A 21 2.92 2.78 4.60
CA ALA A 21 4.22 2.37 4.09
C ALA A 21 4.14 2.14 2.60
N SER A 22 5.25 1.77 1.99
CA SER A 22 5.30 1.53 0.56
C SER A 22 6.40 0.52 0.22
N CYS A 23 6.13 -0.33 -0.76
CA CYS A 23 7.14 -1.23 -1.25
C CYS A 23 8.12 -0.47 -2.13
N LYS A 24 9.34 -0.30 -1.67
CA LYS A 24 10.33 0.52 -2.36
C LYS A 24 10.71 -0.11 -3.70
N LYS A 25 10.38 -1.38 -3.85
CA LYS A 25 10.67 -2.10 -5.07
C LYS A 25 9.61 -1.85 -6.14
N CYS A 26 8.36 -1.76 -5.73
CA CYS A 26 7.25 -1.76 -6.69
C CYS A 26 6.37 -0.51 -6.57
N LYS A 27 6.74 0.42 -5.68
CA LYS A 27 6.05 1.71 -5.53
C LYS A 27 4.64 1.57 -4.96
N LYS A 28 4.23 0.34 -4.66
CA LYS A 28 2.90 0.08 -4.11
C LYS A 28 2.84 0.48 -2.65
N VAL A 29 1.85 1.28 -2.29
CA VAL A 29 1.69 1.69 -0.90
C VAL A 29 0.82 0.71 -0.14
N ILE A 30 1.16 0.49 1.12
CA ILE A 30 0.54 -0.55 1.91
C ILE A 30 0.27 -0.07 3.34
N CYS A 31 -0.75 -0.66 3.97
CA CYS A 31 -1.12 -0.30 5.33
C CYS A 31 -0.33 -1.15 6.32
N ARG A 32 -0.36 -0.76 7.60
CA ARG A 32 0.39 -1.48 8.64
C ARG A 32 -0.13 -2.88 8.88
N GLU A 33 -1.22 -3.22 8.21
CA GLU A 33 -1.78 -4.55 8.30
C GLU A 33 -1.35 -5.39 7.11
N HIS A 34 -0.98 -4.73 6.02
CA HIS A 34 -0.64 -5.41 4.77
C HIS A 34 0.83 -5.22 4.43
N ASN A 35 1.60 -4.62 5.33
CA ASN A 35 2.98 -4.32 5.04
C ASN A 35 3.92 -5.34 5.65
N ILE A 36 4.87 -5.78 4.86
CA ILE A 36 5.96 -6.61 5.33
C ILE A 36 7.28 -5.93 4.97
N ASP A 37 7.24 -4.59 5.02
CA ASP A 37 8.35 -3.73 4.58
C ASP A 37 8.61 -3.90 3.09
N MET A 38 7.62 -4.47 2.43
CA MET A 38 7.61 -4.69 1.01
C MET A 38 6.23 -5.22 0.67
N CYS A 39 5.95 -5.44 -0.59
CA CYS A 39 4.62 -5.89 -0.99
C CYS A 39 4.65 -7.36 -1.36
N GLN A 40 3.55 -8.05 -1.07
CA GLN A 40 3.47 -9.49 -1.24
C GLN A 40 3.50 -9.90 -2.71
N SER A 41 3.38 -8.93 -3.60
CA SER A 41 3.44 -9.18 -5.03
C SER A 41 4.86 -9.55 -5.45
N CYS A 42 5.83 -9.20 -4.62
CA CYS A 42 7.21 -9.50 -4.91
C CYS A 42 7.82 -10.39 -3.82
N PHE A 43 6.96 -10.86 -2.92
CA PHE A 43 7.39 -11.72 -1.82
C PHE A 43 6.61 -13.02 -1.84
N VAL A 1 -9.70 9.44 -7.40
CA VAL A 1 -8.95 9.93 -6.21
C VAL A 1 -7.52 10.28 -6.57
N MET A 2 -6.99 11.31 -5.96
CA MET A 2 -5.62 11.74 -6.21
C MET A 2 -4.67 11.12 -5.19
N LYS A 3 -3.42 10.92 -5.60
CA LYS A 3 -2.39 10.36 -4.71
C LYS A 3 -2.74 8.95 -4.26
N LYS A 4 -2.50 8.00 -5.15
CA LYS A 4 -2.77 6.60 -4.86
C LYS A 4 -1.70 6.03 -3.93
N ARG A 5 -0.54 6.67 -3.91
CA ARG A 5 0.55 6.26 -3.03
C ARG A 5 0.30 6.71 -1.59
N THR A 6 -0.91 7.15 -1.31
CA THR A 6 -1.31 7.49 0.04
C THR A 6 -2.20 6.39 0.61
N TYR A 7 -2.70 5.54 -0.27
CA TYR A 7 -3.63 4.50 0.12
C TYR A 7 -3.06 3.13 -0.17
N CYS A 8 -3.28 2.20 0.75
CA CYS A 8 -2.78 0.84 0.62
C CYS A 8 -3.25 0.23 -0.69
N THR A 9 -2.28 -0.15 -1.51
CA THR A 9 -2.52 -0.72 -2.83
C THR A 9 -3.36 -2.00 -2.75
N TYR A 10 -3.25 -2.70 -1.63
CA TYR A 10 -3.98 -3.95 -1.44
C TYR A 10 -5.37 -3.70 -0.87
N CYS A 11 -5.57 -2.51 -0.33
CA CYS A 11 -6.87 -2.12 0.21
C CYS A 11 -7.74 -1.53 -0.89
N PRO A 12 -9.05 -1.81 -0.87
CA PRO A 12 -9.99 -1.20 -1.81
C PRO A 12 -10.07 0.30 -1.60
N SER A 13 -10.05 1.04 -2.70
CA SER A 13 -10.09 2.51 -2.65
C SER A 13 -11.39 3.00 -2.00
N LYS A 14 -12.41 2.15 -2.01
CA LYS A 14 -13.66 2.45 -1.33
C LYS A 14 -13.44 2.58 0.18
N ILE A 15 -12.43 1.87 0.67
CA ILE A 15 -12.12 1.87 2.10
C ILE A 15 -11.35 3.13 2.48
N ARG A 16 -10.59 3.64 1.51
CA ARG A 16 -9.75 4.84 1.71
C ARG A 16 -8.75 4.61 2.84
N ARG A 17 -8.17 3.41 2.87
CA ARG A 17 -7.25 3.05 3.92
C ARG A 17 -5.87 3.63 3.64
N LYS A 18 -5.47 4.61 4.43
CA LYS A 18 -4.16 5.21 4.30
C LYS A 18 -3.08 4.20 4.64
N ALA A 19 -2.04 4.17 3.84
CA ALA A 19 -0.97 3.21 4.01
C ALA A 19 0.10 3.76 4.96
N ASN A 20 0.45 2.98 5.96
CA ASN A 20 1.49 3.37 6.91
C ASN A 20 2.78 2.60 6.61
N ALA A 21 2.74 1.76 5.58
CA ALA A 21 3.89 0.97 5.19
C ALA A 21 4.10 1.04 3.68
N SER A 22 5.26 0.63 3.21
CA SER A 22 5.58 0.71 1.80
C SER A 22 6.50 -0.43 1.36
N CYS A 23 6.17 -1.02 0.23
CA CYS A 23 7.01 -2.07 -0.35
C CYS A 23 8.12 -1.43 -1.17
N LYS A 24 9.30 -1.33 -0.57
CA LYS A 24 10.39 -0.54 -1.14
C LYS A 24 10.76 -0.98 -2.55
N LYS A 25 10.56 -2.25 -2.86
CA LYS A 25 10.93 -2.79 -4.16
C LYS A 25 10.13 -2.14 -5.29
N CYS A 26 8.81 -2.05 -5.13
CA CYS A 26 7.97 -1.49 -6.19
C CYS A 26 7.52 -0.08 -5.86
N LYS A 27 7.82 0.36 -4.62
CA LYS A 27 7.48 1.71 -4.15
C LYS A 27 5.97 1.85 -3.96
N LYS A 28 5.26 0.73 -3.94
CA LYS A 28 3.83 0.73 -3.70
C LYS A 28 3.56 0.69 -2.20
N VAL A 29 2.63 1.51 -1.75
CA VAL A 29 2.33 1.60 -0.34
C VAL A 29 1.28 0.58 0.07
N ILE A 30 1.39 0.11 1.30
CA ILE A 30 0.53 -0.95 1.81
C ILE A 30 0.22 -0.75 3.29
N CYS A 31 -0.80 -1.41 3.77
CA CYS A 31 -1.13 -1.38 5.18
C CYS A 31 -0.55 -2.62 5.84
N ARG A 32 -0.09 -2.48 7.07
CA ARG A 32 0.51 -3.58 7.81
C ARG A 32 -0.53 -4.65 8.12
N GLU A 33 -1.79 -4.29 7.96
CA GLU A 33 -2.89 -5.22 8.11
C GLU A 33 -2.92 -6.17 6.91
N HIS A 34 -2.29 -5.75 5.83
CA HIS A 34 -2.17 -6.55 4.63
C HIS A 34 -0.77 -7.13 4.50
N ASN A 35 0.21 -6.24 4.43
CA ASN A 35 1.60 -6.63 4.20
C ASN A 35 2.55 -5.71 4.96
N ILE A 36 3.57 -6.29 5.56
CA ILE A 36 4.52 -5.52 6.36
C ILE A 36 5.67 -4.99 5.50
N ASP A 37 5.40 -3.90 4.78
CA ASP A 37 6.39 -3.21 3.95
C ASP A 37 6.96 -4.10 2.85
N MET A 38 6.26 -5.18 2.56
CA MET A 38 6.65 -6.09 1.50
C MET A 38 5.42 -6.67 0.83
N CYS A 39 5.22 -6.37 -0.44
CA CYS A 39 4.05 -6.83 -1.15
C CYS A 39 4.32 -8.19 -1.78
N GLN A 40 3.28 -8.85 -2.25
CA GLN A 40 3.37 -10.22 -2.74
C GLN A 40 3.89 -10.28 -4.17
N SER A 41 4.14 -9.13 -4.76
CA SER A 41 4.63 -9.07 -6.13
C SER A 41 6.13 -8.77 -6.16
N CYS A 42 6.78 -8.82 -4.99
CA CYS A 42 8.21 -8.57 -4.91
C CYS A 42 8.90 -9.60 -4.02
N PHE A 43 10.23 -9.53 -4.01
CA PHE A 43 11.06 -10.35 -3.14
C PHE A 43 10.85 -11.84 -3.41
N VAL A 1 -6.99 14.60 -8.46
CA VAL A 1 -6.14 14.40 -7.27
C VAL A 1 -5.19 13.24 -7.48
N MET A 2 -4.30 13.00 -6.52
CA MET A 2 -3.36 11.89 -6.61
C MET A 2 -3.17 11.29 -5.23
N LYS A 3 -4.05 10.37 -4.86
CA LYS A 3 -3.98 9.70 -3.57
C LYS A 3 -3.62 8.22 -3.78
N LYS A 4 -3.08 7.92 -4.94
CA LYS A 4 -2.77 6.54 -5.32
C LYS A 4 -1.63 5.99 -4.48
N ARG A 5 -0.72 6.85 -4.08
CA ARG A 5 0.37 6.45 -3.19
C ARG A 5 0.09 6.95 -1.77
N THR A 6 -1.16 7.28 -1.52
CA THR A 6 -1.59 7.71 -0.20
C THR A 6 -2.35 6.57 0.49
N TYR A 7 -3.23 5.92 -0.27
CA TYR A 7 -4.03 4.85 0.26
C TYR A 7 -3.46 3.51 -0.16
N CYS A 8 -3.53 2.55 0.75
CA CYS A 8 -3.00 1.21 0.54
C CYS A 8 -3.45 0.63 -0.80
N THR A 9 -2.47 0.25 -1.61
CA THR A 9 -2.72 -0.29 -2.93
C THR A 9 -3.34 -1.69 -2.86
N TYR A 10 -3.20 -2.33 -1.71
CA TYR A 10 -3.77 -3.66 -1.50
C TYR A 10 -5.21 -3.57 -1.01
N CYS A 11 -5.54 -2.46 -0.38
CA CYS A 11 -6.90 -2.24 0.12
C CYS A 11 -7.81 -1.82 -1.03
N PRO A 12 -9.05 -2.32 -1.04
CA PRO A 12 -10.08 -1.89 -2.00
C PRO A 12 -10.36 -0.41 -1.88
N SER A 13 -10.71 0.22 -3.00
CA SER A 13 -10.91 1.67 -3.05
C SER A 13 -12.05 2.13 -2.16
N LYS A 14 -12.97 1.21 -1.83
CA LYS A 14 -14.06 1.53 -0.91
C LYS A 14 -13.56 1.53 0.52
N ILE A 15 -12.43 0.88 0.75
CA ILE A 15 -11.84 0.79 2.07
C ILE A 15 -10.60 1.67 2.13
N ARG A 16 -10.83 2.97 2.25
CA ARG A 16 -9.76 3.96 2.24
C ARG A 16 -8.95 3.91 3.53
N ARG A 17 -7.83 3.21 3.48
CA ARG A 17 -6.91 3.16 4.59
C ARG A 17 -5.58 3.79 4.19
N LYS A 18 -5.12 4.74 4.99
CA LYS A 18 -3.84 5.40 4.74
C LYS A 18 -2.71 4.39 4.86
N ALA A 19 -1.83 4.40 3.88
CA ALA A 19 -0.72 3.47 3.85
C ALA A 19 0.42 3.95 4.72
N ASN A 20 0.62 3.31 5.85
CA ASN A 20 1.72 3.64 6.75
C ASN A 20 2.91 2.74 6.50
N ALA A 21 2.97 2.22 5.28
CA ALA A 21 4.10 1.43 4.82
C ALA A 21 4.15 1.47 3.30
N SER A 22 5.30 1.19 2.73
CA SER A 22 5.46 1.24 1.28
C SER A 22 6.62 0.34 0.84
N CYS A 23 6.42 -0.40 -0.22
CA CYS A 23 7.48 -1.24 -0.77
C CYS A 23 8.46 -0.36 -1.53
N LYS A 24 9.71 -0.36 -1.08
CA LYS A 24 10.70 0.61 -1.54
C LYS A 24 11.17 0.32 -2.97
N LYS A 25 11.12 -0.95 -3.37
CA LYS A 25 11.55 -1.33 -4.70
C LYS A 25 10.40 -1.23 -5.70
N CYS A 26 9.20 -1.57 -5.28
CA CYS A 26 8.06 -1.61 -6.18
C CYS A 26 7.26 -0.31 -6.16
N LYS A 27 7.49 0.52 -5.14
CA LYS A 27 6.84 1.83 -5.01
C LYS A 27 5.33 1.70 -4.79
N LYS A 28 4.90 0.55 -4.28
CA LYS A 28 3.51 0.35 -3.94
C LYS A 28 3.31 0.57 -2.45
N VAL A 29 2.29 1.34 -2.10
CA VAL A 29 2.04 1.67 -0.71
C VAL A 29 1.06 0.67 -0.10
N ILE A 30 1.30 0.31 1.15
CA ILE A 30 0.52 -0.73 1.80
C ILE A 30 0.18 -0.35 3.24
N CYS A 31 -0.97 -0.79 3.71
CA CYS A 31 -1.39 -0.52 5.08
C CYS A 31 -0.72 -1.50 6.02
N ARG A 32 -0.72 -1.21 7.30
CA ARG A 32 -0.02 -2.07 8.26
C ARG A 32 -0.55 -3.51 8.19
N GLU A 33 -1.86 -3.63 7.98
CA GLU A 33 -2.53 -4.92 7.88
C GLU A 33 -2.09 -5.68 6.63
N HIS A 34 -1.64 -4.95 5.62
CA HIS A 34 -1.21 -5.56 4.37
C HIS A 34 0.29 -5.38 4.18
N ASN A 35 1.00 -5.13 5.27
CA ASN A 35 2.40 -4.74 5.19
C ASN A 35 3.33 -5.77 5.79
N ILE A 36 4.46 -5.96 5.13
CA ILE A 36 5.62 -6.63 5.70
C ILE A 36 6.83 -5.76 5.40
N ASP A 37 6.56 -4.45 5.31
CA ASP A 37 7.50 -3.43 4.79
C ASP A 37 7.64 -3.58 3.29
N MET A 38 7.74 -4.82 2.83
CA MET A 38 7.73 -5.12 1.42
C MET A 38 6.31 -5.47 1.00
N CYS A 39 6.07 -5.58 -0.29
CA CYS A 39 4.76 -5.93 -0.78
C CYS A 39 4.74 -7.39 -1.23
N GLN A 40 3.59 -8.03 -1.04
CA GLN A 40 3.42 -9.46 -1.33
C GLN A 40 3.63 -9.76 -2.81
N SER A 41 3.52 -8.74 -3.63
CA SER A 41 3.65 -8.90 -5.08
C SER A 41 5.09 -9.30 -5.44
N CYS A 42 6.03 -9.07 -4.54
CA CYS A 42 7.42 -9.41 -4.78
C CYS A 42 7.92 -10.42 -3.77
N PHE A 43 7.00 -11.06 -3.07
CA PHE A 43 7.36 -12.05 -2.06
C PHE A 43 7.82 -13.34 -2.72
N VAL A 1 -1.60 9.16 -9.52
CA VAL A 1 -1.04 10.48 -9.87
C VAL A 1 -1.03 11.40 -8.66
N MET A 2 -2.20 11.60 -8.05
CA MET A 2 -2.32 12.47 -6.89
C MET A 2 -3.15 11.82 -5.78
N LYS A 3 -2.52 11.65 -4.62
CA LYS A 3 -3.19 11.16 -3.41
C LYS A 3 -3.78 9.76 -3.61
N LYS A 4 -3.18 8.99 -4.49
CA LYS A 4 -3.63 7.62 -4.71
C LYS A 4 -2.70 6.66 -4.00
N ARG A 5 -1.49 7.11 -3.74
CA ARG A 5 -0.51 6.30 -3.02
C ARG A 5 -0.43 6.74 -1.57
N THR A 6 -1.47 7.43 -1.13
CA THR A 6 -1.63 7.75 0.28
C THR A 6 -2.37 6.61 0.97
N TYR A 7 -3.00 5.78 0.14
CA TYR A 7 -3.81 4.67 0.62
C TYR A 7 -3.22 3.35 0.14
N CYS A 8 -3.38 2.34 0.98
CA CYS A 8 -2.86 1.01 0.70
C CYS A 8 -3.39 0.46 -0.62
N THR A 9 -2.46 0.07 -1.48
CA THR A 9 -2.78 -0.46 -2.80
C THR A 9 -3.51 -1.79 -2.70
N TYR A 10 -3.22 -2.54 -1.65
CA TYR A 10 -3.86 -3.83 -1.44
C TYR A 10 -5.26 -3.66 -0.85
N CYS A 11 -5.49 -2.51 -0.23
CA CYS A 11 -6.82 -2.18 0.27
C CYS A 11 -7.66 -1.60 -0.86
N PRO A 12 -8.87 -2.14 -1.06
CA PRO A 12 -9.76 -1.70 -2.14
C PRO A 12 -10.10 -0.22 -2.07
N SER A 13 -10.39 0.40 -3.21
CA SER A 13 -10.61 1.85 -3.25
C SER A 13 -11.68 2.29 -2.23
N LYS A 14 -12.78 1.55 -2.16
CA LYS A 14 -13.87 1.87 -1.25
C LYS A 14 -13.44 1.69 0.20
N ILE A 15 -12.34 0.98 0.41
CA ILE A 15 -11.80 0.79 1.73
C ILE A 15 -10.61 1.73 1.91
N ARG A 16 -10.91 3.03 2.04
CA ARG A 16 -9.87 4.05 2.18
C ARG A 16 -9.04 3.82 3.45
N ARG A 17 -7.95 3.10 3.29
CA ARG A 17 -7.08 2.78 4.39
C ARG A 17 -5.69 3.34 4.11
N LYS A 18 -5.25 4.27 4.95
CA LYS A 18 -3.98 4.94 4.75
C LYS A 18 -2.82 3.95 4.82
N ALA A 19 -1.86 4.14 3.94
CA ALA A 19 -0.70 3.26 3.90
C ALA A 19 0.37 3.70 4.90
N ASN A 20 0.78 2.77 5.75
CA ASN A 20 1.83 3.03 6.73
C ASN A 20 3.08 2.24 6.38
N ALA A 21 3.08 1.69 5.17
CA ALA A 21 4.20 0.91 4.68
C ALA A 21 4.24 0.99 3.16
N SER A 22 5.34 0.55 2.58
CA SER A 22 5.50 0.62 1.13
C SER A 22 6.51 -0.40 0.64
N CYS A 23 6.13 -1.14 -0.40
CA CYS A 23 7.02 -2.11 -0.98
C CYS A 23 7.94 -1.43 -1.99
N LYS A 24 9.15 -1.10 -1.54
CA LYS A 24 10.09 -0.27 -2.30
C LYS A 24 10.34 -0.78 -3.71
N LYS A 25 10.40 -2.10 -3.89
CA LYS A 25 10.76 -2.68 -5.19
C LYS A 25 9.74 -2.33 -6.28
N CYS A 26 8.46 -2.24 -5.92
CA CYS A 26 7.44 -1.88 -6.90
C CYS A 26 6.88 -0.49 -6.62
N LYS A 27 7.31 0.10 -5.50
CA LYS A 27 6.90 1.44 -5.10
C LYS A 27 5.41 1.48 -4.75
N LYS A 28 4.83 0.32 -4.50
CA LYS A 28 3.42 0.25 -4.13
C LYS A 28 3.27 0.34 -2.62
N VAL A 29 2.46 1.29 -2.19
CA VAL A 29 2.22 1.52 -0.77
C VAL A 29 1.18 0.53 -0.24
N ILE A 30 1.36 0.11 0.99
CA ILE A 30 0.49 -0.89 1.60
C ILE A 30 0.24 -0.59 3.07
N CYS A 31 -0.71 -1.28 3.65
CA CYS A 31 -1.00 -1.14 5.06
C CYS A 31 -0.35 -2.29 5.82
N ARG A 32 0.09 -2.01 7.04
CA ARG A 32 0.79 -2.99 7.86
C ARG A 32 -0.16 -4.10 8.30
N GLU A 33 -1.43 -3.93 7.98
CA GLU A 33 -2.43 -4.96 8.24
C GLU A 33 -2.43 -5.97 7.11
N HIS A 34 -2.01 -5.53 5.93
CA HIS A 34 -1.92 -6.41 4.77
C HIS A 34 -0.55 -7.07 4.71
N ASN A 35 0.47 -6.33 5.12
CA ASN A 35 1.81 -6.87 5.26
C ASN A 35 2.71 -5.84 5.95
N ILE A 36 3.82 -6.28 6.53
CA ILE A 36 4.70 -5.38 7.26
C ILE A 36 5.25 -4.26 6.36
N ASP A 37 5.84 -4.62 5.22
CA ASP A 37 6.44 -3.64 4.31
C ASP A 37 6.87 -4.30 2.99
N MET A 38 6.11 -5.31 2.59
CA MET A 38 6.42 -6.06 1.37
C MET A 38 5.10 -6.45 0.70
N CYS A 39 5.09 -6.51 -0.63
CA CYS A 39 3.88 -6.92 -1.32
C CYS A 39 3.99 -8.41 -1.66
N GLN A 40 2.91 -8.98 -2.17
CA GLN A 40 2.92 -10.38 -2.54
C GLN A 40 3.32 -10.52 -4.01
N SER A 41 3.14 -9.44 -4.76
CA SER A 41 3.42 -9.46 -6.18
C SER A 41 4.92 -9.37 -6.46
N CYS A 42 5.67 -8.83 -5.50
CA CYS A 42 7.12 -8.71 -5.63
C CYS A 42 7.74 -8.54 -4.24
N PHE A 43 9.08 -8.52 -4.19
CA PHE A 43 9.82 -8.42 -2.94
C PHE A 43 9.74 -9.73 -2.17
N VAL A 1 0.85 8.52 -11.65
CA VAL A 1 0.73 9.95 -12.02
C VAL A 1 -0.04 10.71 -10.95
N MET A 2 -1.07 10.08 -10.40
CA MET A 2 -1.85 10.67 -9.33
C MET A 2 -1.10 10.55 -8.00
N LYS A 3 -0.95 11.66 -7.31
CA LYS A 3 -0.29 11.66 -6.01
C LYS A 3 -1.34 11.62 -4.89
N LYS A 4 -2.01 10.49 -4.78
CA LYS A 4 -2.99 10.30 -3.73
C LYS A 4 -2.71 8.97 -3.03
N ARG A 5 -1.44 8.59 -3.01
CA ARG A 5 -1.02 7.33 -2.43
C ARG A 5 -0.92 7.42 -0.92
N THR A 6 -2.01 7.85 -0.29
CA THR A 6 -2.09 7.90 1.16
C THR A 6 -2.82 6.67 1.67
N TYR A 7 -3.61 6.08 0.78
CA TYR A 7 -4.44 4.95 1.14
C TYR A 7 -3.83 3.66 0.61
N CYS A 8 -3.93 2.61 1.40
CA CYS A 8 -3.33 1.32 1.10
C CYS A 8 -3.80 0.79 -0.26
N THR A 9 -2.84 0.51 -1.12
CA THR A 9 -3.09 0.01 -2.47
C THR A 9 -3.72 -1.38 -2.43
N TYR A 10 -3.38 -2.16 -1.42
CA TYR A 10 -3.88 -3.52 -1.29
C TYR A 10 -5.28 -3.55 -0.70
N CYS A 11 -5.63 -2.49 0.02
CA CYS A 11 -6.97 -2.35 0.55
C CYS A 11 -7.91 -1.86 -0.54
N PRO A 12 -9.08 -2.50 -0.69
CA PRO A 12 -10.09 -2.10 -1.68
C PRO A 12 -10.44 -0.62 -1.55
N SER A 13 -10.73 0.01 -2.68
CA SER A 13 -10.99 1.45 -2.73
C SER A 13 -12.28 1.79 -1.98
N LYS A 14 -13.05 0.77 -1.63
CA LYS A 14 -14.26 0.96 -0.83
C LYS A 14 -13.90 1.12 0.65
N ILE A 15 -12.70 0.70 1.01
CA ILE A 15 -12.27 0.73 2.40
C ILE A 15 -11.73 2.10 2.78
N ARG A 16 -10.80 2.61 1.96
CA ARG A 16 -10.20 3.93 2.18
C ARG A 16 -9.58 4.03 3.58
N ARG A 17 -8.53 3.25 3.81
CA ARG A 17 -7.78 3.37 5.05
C ARG A 17 -6.34 3.73 4.74
N LYS A 18 -5.75 4.57 5.59
CA LYS A 18 -4.45 5.16 5.32
C LYS A 18 -3.34 4.14 5.53
N ALA A 19 -2.34 4.21 4.67
CA ALA A 19 -1.20 3.30 4.73
C ALA A 19 -0.12 3.83 5.65
N ASN A 20 0.41 2.96 6.50
CA ASN A 20 1.51 3.34 7.39
C ASN A 20 2.77 2.58 6.99
N ALA A 21 2.80 2.18 5.73
CA ALA A 21 3.96 1.52 5.16
C ALA A 21 3.95 1.70 3.65
N SER A 22 5.11 1.53 3.03
CA SER A 22 5.21 1.67 1.59
C SER A 22 6.25 0.71 1.03
N CYS A 23 5.88 0.00 -0.01
CA CYS A 23 6.78 -0.90 -0.68
C CYS A 23 7.68 -0.11 -1.61
N LYS A 24 8.83 0.33 -1.09
CA LYS A 24 9.77 1.15 -1.84
C LYS A 24 10.19 0.46 -3.14
N LYS A 25 10.17 -0.87 -3.13
CA LYS A 25 10.51 -1.66 -4.29
C LYS A 25 9.70 -1.25 -5.52
N CYS A 26 8.42 -0.98 -5.33
CA CYS A 26 7.55 -0.62 -6.46
C CYS A 26 6.83 0.70 -6.22
N LYS A 27 7.12 1.35 -5.09
CA LYS A 27 6.56 2.66 -4.74
C LYS A 27 5.05 2.61 -4.54
N LYS A 28 4.57 1.52 -3.96
CA LYS A 28 3.14 1.39 -3.66
C LYS A 28 2.93 1.28 -2.16
N VAL A 29 1.95 2.02 -1.66
CA VAL A 29 1.73 2.13 -0.23
C VAL A 29 0.80 1.03 0.28
N ILE A 30 1.10 0.53 1.46
CA ILE A 30 0.37 -0.59 2.04
C ILE A 30 0.11 -0.37 3.53
N CYS A 31 -0.99 -0.91 4.02
CA CYS A 31 -1.32 -0.80 5.43
C CYS A 31 -0.54 -1.86 6.21
N ARG A 32 -0.41 -1.71 7.51
CA ARG A 32 0.42 -2.62 8.29
C ARG A 32 -0.05 -4.06 8.15
N GLU A 33 -1.36 -4.26 8.07
CA GLU A 33 -1.94 -5.59 7.92
C GLU A 33 -1.62 -6.17 6.55
N HIS A 34 -1.34 -5.30 5.59
CA HIS A 34 -0.98 -5.74 4.24
C HIS A 34 0.51 -5.55 4.02
N ASN A 35 1.24 -5.36 5.10
CA ASN A 35 2.67 -5.10 5.04
C ASN A 35 3.47 -6.22 5.68
N ILE A 36 4.32 -6.83 4.86
CA ILE A 36 5.31 -7.78 5.34
C ILE A 36 6.68 -7.15 5.17
N ASP A 37 6.74 -5.83 5.40
CA ASP A 37 7.92 -5.01 5.08
C ASP A 37 8.21 -5.08 3.60
N MET A 38 7.13 -5.21 2.83
CA MET A 38 7.19 -5.45 1.39
C MET A 38 5.78 -5.73 0.90
N CYS A 39 5.49 -5.43 -0.35
CA CYS A 39 4.19 -5.79 -0.89
C CYS A 39 4.27 -7.18 -1.47
N GLN A 40 3.12 -7.84 -1.48
CA GLN A 40 3.02 -9.26 -1.84
C GLN A 40 3.47 -9.52 -3.27
N SER A 41 3.50 -8.48 -4.09
CA SER A 41 3.89 -8.62 -5.48
C SER A 41 5.41 -8.57 -5.66
N CYS A 42 6.12 -8.04 -4.68
CA CYS A 42 7.58 -7.96 -4.77
C CYS A 42 8.25 -9.05 -3.95
N PHE A 43 7.51 -9.63 -3.02
CA PHE A 43 8.06 -10.66 -2.15
C PHE A 43 7.91 -12.03 -2.79
N VAL A 1 -0.32 16.57 -6.22
CA VAL A 1 -1.72 17.00 -6.01
C VAL A 1 -2.61 15.78 -5.74
N MET A 2 -2.88 15.02 -6.78
CA MET A 2 -3.68 13.82 -6.64
C MET A 2 -2.77 12.59 -6.61
N LYS A 3 -3.07 11.66 -5.72
CA LYS A 3 -2.25 10.46 -5.58
C LYS A 3 -3.04 9.34 -4.92
N LYS A 4 -3.01 8.17 -5.54
CA LYS A 4 -3.63 6.99 -4.97
C LYS A 4 -2.64 6.29 -4.05
N ARG A 5 -1.39 6.72 -4.12
CA ARG A 5 -0.32 6.17 -3.30
C ARG A 5 -0.36 6.75 -1.88
N THR A 6 -1.56 6.95 -1.39
CA THR A 6 -1.78 7.33 0.00
C THR A 6 -2.63 6.27 0.68
N TYR A 7 -3.30 5.48 -0.15
CA TYR A 7 -4.20 4.45 0.34
C TYR A 7 -3.67 3.08 -0.07
N CYS A 8 -3.75 2.15 0.87
CA CYS A 8 -3.22 0.80 0.69
C CYS A 8 -3.74 0.17 -0.59
N THR A 9 -2.80 -0.18 -1.46
CA THR A 9 -3.11 -0.81 -2.74
C THR A 9 -3.71 -2.20 -2.53
N TYR A 10 -3.36 -2.82 -1.42
CA TYR A 10 -3.86 -4.16 -1.09
C TYR A 10 -5.28 -4.08 -0.53
N CYS A 11 -5.63 -2.93 0.02
CA CYS A 11 -6.99 -2.69 0.48
C CYS A 11 -7.87 -2.31 -0.70
N PRO A 12 -9.15 -2.73 -0.70
CA PRO A 12 -10.09 -2.38 -1.76
C PRO A 12 -10.24 -0.88 -1.90
N SER A 13 -10.20 -0.40 -3.14
CA SER A 13 -10.15 1.03 -3.44
C SER A 13 -11.35 1.79 -2.86
N LYS A 14 -12.48 1.11 -2.69
CA LYS A 14 -13.67 1.76 -2.16
C LYS A 14 -13.60 1.89 -0.64
N ILE A 15 -12.66 1.19 -0.03
CA ILE A 15 -12.49 1.23 1.42
C ILE A 15 -11.57 2.39 1.81
N ARG A 16 -10.53 2.60 1.02
CA ARG A 16 -9.58 3.70 1.24
C ARG A 16 -9.03 3.71 2.66
N ARG A 17 -8.11 2.80 2.93
CA ARG A 17 -7.39 2.80 4.19
C ARG A 17 -6.01 3.42 3.98
N LYS A 18 -5.63 4.34 4.85
CA LYS A 18 -4.37 5.05 4.71
C LYS A 18 -3.20 4.09 4.84
N ALA A 19 -2.31 4.14 3.86
CA ALA A 19 -1.14 3.27 3.84
C ALA A 19 0.04 3.94 4.52
N ASN A 20 0.50 3.36 5.62
CA ASN A 20 1.66 3.89 6.33
C ASN A 20 2.87 3.04 6.05
N ALA A 21 2.85 2.38 4.89
CA ALA A 21 3.95 1.56 4.45
C ALA A 21 4.02 1.57 2.93
N SER A 22 5.20 1.33 2.40
CA SER A 22 5.39 1.32 0.96
C SER A 22 6.44 0.30 0.57
N CYS A 23 6.07 -0.56 -0.38
CA CYS A 23 6.96 -1.59 -0.87
C CYS A 23 8.03 -0.97 -1.77
N LYS A 24 9.26 -1.01 -1.31
CA LYS A 24 10.36 -0.27 -1.93
C LYS A 24 10.67 -0.76 -3.34
N LYS A 25 10.34 -2.02 -3.63
CA LYS A 25 10.71 -2.58 -4.92
C LYS A 25 9.75 -2.11 -6.02
N CYS A 26 8.45 -2.03 -5.72
CA CYS A 26 7.47 -1.72 -6.74
C CYS A 26 6.83 -0.34 -6.54
N LYS A 27 7.12 0.28 -5.39
CA LYS A 27 6.63 1.62 -5.06
C LYS A 27 5.11 1.62 -4.89
N LYS A 28 4.56 0.52 -4.40
CA LYS A 28 3.14 0.45 -4.09
C LYS A 28 2.95 0.53 -2.58
N VAL A 29 1.95 1.28 -2.16
CA VAL A 29 1.72 1.52 -0.74
C VAL A 29 0.80 0.47 -0.13
N ILE A 30 1.07 0.12 1.12
CA ILE A 30 0.36 -0.93 1.81
C ILE A 30 0.07 -0.54 3.25
N CYS A 31 -0.98 -1.12 3.82
CA CYS A 31 -1.31 -0.88 5.22
C CYS A 31 -0.61 -1.90 6.10
N ARG A 32 -0.32 -1.49 7.33
CA ARG A 32 0.50 -2.29 8.24
C ARG A 32 -0.20 -3.58 8.64
N GLU A 33 -1.51 -3.60 8.50
CA GLU A 33 -2.28 -4.80 8.83
C GLU A 33 -2.37 -5.75 7.65
N HIS A 34 -1.88 -5.32 6.49
CA HIS A 34 -1.89 -6.17 5.32
C HIS A 34 -0.52 -6.79 5.11
N ASN A 35 0.48 -5.95 4.90
CA ASN A 35 1.82 -6.42 4.54
C ASN A 35 2.87 -5.74 5.39
N ILE A 36 3.99 -6.42 5.59
CA ILE A 36 5.06 -5.91 6.43
C ILE A 36 6.12 -5.17 5.60
N ASP A 37 5.80 -3.93 5.24
CA ASP A 37 6.71 -3.02 4.51
C ASP A 37 6.89 -3.44 3.04
N MET A 38 7.24 -4.70 2.83
CA MET A 38 7.37 -5.24 1.48
C MET A 38 6.10 -5.96 1.09
N CYS A 39 5.67 -5.78 -0.15
CA CYS A 39 4.40 -6.36 -0.59
C CYS A 39 4.61 -7.78 -1.09
N GLN A 40 3.61 -8.62 -0.85
CA GLN A 40 3.66 -10.04 -1.18
C GLN A 40 3.77 -10.27 -2.68
N SER A 41 3.43 -9.28 -3.47
CA SER A 41 3.60 -9.36 -4.92
C SER A 41 5.09 -9.39 -5.27
N CYS A 42 5.92 -8.86 -4.37
CA CYS A 42 7.36 -8.88 -4.55
C CYS A 42 8.00 -9.95 -3.68
N PHE A 43 7.98 -9.73 -2.36
CA PHE A 43 8.67 -10.61 -1.43
C PHE A 43 7.68 -11.33 -0.53
N VAL A 1 -6.66 15.22 -5.68
CA VAL A 1 -5.31 15.57 -6.17
C VAL A 1 -4.32 15.62 -5.00
N MET A 2 -3.87 14.43 -4.59
CA MET A 2 -2.93 14.31 -3.49
C MET A 2 -2.17 12.99 -3.63
N LYS A 3 -2.01 12.54 -4.87
CA LYS A 3 -1.47 11.22 -5.18
C LYS A 3 -2.47 10.14 -4.77
N LYS A 4 -2.87 9.33 -5.73
CA LYS A 4 -3.82 8.26 -5.49
C LYS A 4 -3.14 7.11 -4.77
N ARG A 5 -1.82 7.12 -4.79
CA ARG A 5 -1.02 6.11 -4.09
C ARG A 5 -0.84 6.49 -2.63
N THR A 6 -1.90 7.03 -2.04
CA THR A 6 -1.93 7.31 -0.62
C THR A 6 -2.77 6.26 0.08
N TYR A 7 -3.38 5.41 -0.73
CA TYR A 7 -4.23 4.35 -0.23
C TYR A 7 -3.61 3.00 -0.54
N CYS A 8 -3.68 2.11 0.44
CA CYS A 8 -3.06 0.81 0.35
C CYS A 8 -3.50 0.06 -0.90
N THR A 9 -2.52 -0.30 -1.73
CA THR A 9 -2.75 -0.99 -2.98
C THR A 9 -3.37 -2.36 -2.76
N TYR A 10 -3.09 -2.95 -1.60
CA TYR A 10 -3.61 -4.27 -1.26
C TYR A 10 -5.01 -4.17 -0.65
N CYS A 11 -5.39 -2.96 -0.25
CA CYS A 11 -6.73 -2.71 0.25
C CYS A 11 -7.63 -2.25 -0.89
N PRO A 12 -8.88 -2.74 -0.94
CA PRO A 12 -9.84 -2.30 -1.94
C PRO A 12 -10.09 -0.79 -1.81
N SER A 13 -10.04 -0.09 -2.94
CA SER A 13 -10.15 1.36 -2.96
C SER A 13 -11.47 1.86 -2.36
N LYS A 14 -12.49 1.00 -2.36
CA LYS A 14 -13.77 1.34 -1.76
C LYS A 14 -13.67 1.38 -0.24
N ILE A 15 -12.64 0.75 0.30
CA ILE A 15 -12.43 0.73 1.75
C ILE A 15 -11.75 2.01 2.22
N ARG A 16 -11.10 2.70 1.26
CA ARG A 16 -10.46 3.99 1.51
C ARG A 16 -9.38 3.88 2.59
N ARG A 17 -8.71 2.75 2.62
CA ARG A 17 -7.70 2.48 3.65
C ARG A 17 -6.38 3.14 3.25
N LYS A 18 -5.94 4.09 4.05
CA LYS A 18 -4.73 4.84 3.76
C LYS A 18 -3.50 3.95 3.96
N ALA A 19 -2.41 4.33 3.33
CA ALA A 19 -1.16 3.58 3.43
C ALA A 19 -0.02 4.47 3.86
N ASN A 20 0.51 4.22 5.05
CA ASN A 20 1.65 4.96 5.55
C ASN A 20 2.92 4.14 5.40
N ALA A 21 2.79 2.98 4.76
CA ALA A 21 3.93 2.12 4.49
C ALA A 21 4.04 1.91 2.97
N SER A 22 5.23 1.63 2.50
CA SER A 22 5.46 1.48 1.07
C SER A 22 6.44 0.34 0.80
N CYS A 23 6.14 -0.45 -0.22
CA CYS A 23 7.03 -1.50 -0.65
C CYS A 23 8.15 -0.91 -1.50
N LYS A 24 9.39 -1.08 -1.05
CA LYS A 24 10.52 -0.41 -1.67
C LYS A 24 10.88 -1.05 -3.01
N LYS A 25 10.43 -2.28 -3.22
CA LYS A 25 10.79 -3.00 -4.44
C LYS A 25 9.86 -2.69 -5.61
N CYS A 26 8.82 -1.89 -5.39
CA CYS A 26 7.93 -1.50 -6.49
C CYS A 26 7.31 -0.12 -6.27
N LYS A 27 7.45 0.41 -5.06
CA LYS A 27 6.93 1.72 -4.68
C LYS A 27 5.40 1.72 -4.62
N LYS A 28 4.82 0.54 -4.46
CA LYS A 28 3.39 0.44 -4.18
C LYS A 28 3.18 0.57 -2.68
N VAL A 29 2.13 1.28 -2.29
CA VAL A 29 1.91 1.58 -0.90
C VAL A 29 1.00 0.57 -0.23
N ILE A 30 1.28 0.28 1.02
CA ILE A 30 0.55 -0.75 1.77
C ILE A 30 0.25 -0.26 3.18
N CYS A 31 -0.85 -0.76 3.73
CA CYS A 31 -1.26 -0.40 5.08
C CYS A 31 -0.52 -1.27 6.08
N ARG A 32 -0.54 -0.88 7.35
CA ARG A 32 0.15 -1.64 8.40
C ARG A 32 -0.64 -2.90 8.76
N GLU A 33 -1.58 -3.27 7.91
CA GLU A 33 -2.29 -4.53 8.02
C GLU A 33 -1.90 -5.43 6.85
N HIS A 34 -1.19 -4.85 5.89
CA HIS A 34 -0.74 -5.56 4.69
C HIS A 34 0.74 -5.32 4.48
N ASN A 35 1.46 -5.06 5.57
CA ASN A 35 2.84 -4.61 5.47
C ASN A 35 3.82 -5.63 6.06
N ILE A 36 4.78 -6.00 5.24
CA ILE A 36 5.95 -6.74 5.69
C ILE A 36 7.20 -5.97 5.27
N ASP A 37 7.08 -4.65 5.23
CA ASP A 37 8.11 -3.74 4.70
C ASP A 37 8.33 -4.03 3.22
N MET A 38 7.34 -4.68 2.64
CA MET A 38 7.39 -5.14 1.27
C MET A 38 6.01 -5.66 0.91
N CYS A 39 5.70 -5.72 -0.37
CA CYS A 39 4.45 -6.28 -0.80
C CYS A 39 4.68 -7.70 -1.26
N GLN A 40 3.64 -8.52 -1.15
CA GLN A 40 3.71 -9.93 -1.49
C GLN A 40 4.13 -10.15 -2.95
N SER A 41 3.91 -9.16 -3.79
CA SER A 41 4.29 -9.24 -5.19
C SER A 41 5.80 -9.04 -5.39
N CYS A 42 6.51 -8.71 -4.31
CA CYS A 42 7.96 -8.59 -4.37
C CYS A 42 8.64 -9.54 -3.39
N PHE A 43 7.89 -10.05 -2.43
CA PHE A 43 8.46 -10.89 -1.39
C PHE A 43 8.67 -12.31 -1.89
N VAL A 1 -8.47 12.56 -5.34
CA VAL A 1 -7.49 12.78 -4.25
C VAL A 1 -6.11 13.04 -4.83
N MET A 2 -5.32 13.85 -4.12
CA MET A 2 -3.96 14.12 -4.52
C MET A 2 -3.05 13.00 -4.01
N LYS A 3 -2.19 12.50 -4.90
CA LYS A 3 -1.31 11.37 -4.59
C LYS A 3 -2.12 10.11 -4.30
N LYS A 4 -2.42 9.38 -5.36
CA LYS A 4 -3.17 8.13 -5.26
C LYS A 4 -2.41 7.11 -4.43
N ARG A 5 -1.10 7.27 -4.38
CA ARG A 5 -0.23 6.33 -3.67
C ARG A 5 -0.21 6.62 -2.17
N THR A 6 -1.29 7.20 -1.67
CA THR A 6 -1.45 7.43 -0.25
C THR A 6 -2.27 6.31 0.38
N TYR A 7 -2.98 5.60 -0.47
CA TYR A 7 -3.86 4.54 -0.02
C TYR A 7 -3.26 3.18 -0.32
N CYS A 8 -3.41 2.28 0.64
CA CYS A 8 -2.86 0.93 0.56
C CYS A 8 -3.32 0.20 -0.69
N THR A 9 -2.35 -0.24 -1.48
CA THR A 9 -2.61 -0.96 -2.72
C THR A 9 -3.29 -2.30 -2.45
N TYR A 10 -3.04 -2.87 -1.28
CA TYR A 10 -3.66 -4.12 -0.88
C TYR A 10 -5.11 -3.89 -0.45
N CYS A 11 -5.42 -2.64 -0.10
CA CYS A 11 -6.78 -2.27 0.24
C CYS A 11 -7.53 -1.83 -1.01
N PRO A 12 -8.67 -2.47 -1.31
CA PRO A 12 -9.53 -2.10 -2.45
C PRO A 12 -9.94 -0.62 -2.38
N SER A 13 -10.13 -0.03 -3.56
CA SER A 13 -10.42 1.41 -3.68
C SER A 13 -11.73 1.79 -3.00
N LYS A 14 -12.58 0.82 -2.72
CA LYS A 14 -13.82 1.07 -1.99
C LYS A 14 -13.58 1.10 -0.50
N ILE A 15 -12.48 0.48 -0.06
CA ILE A 15 -12.15 0.42 1.35
C ILE A 15 -11.48 1.72 1.81
N ARG A 16 -10.60 2.25 0.96
CA ARG A 16 -9.98 3.57 1.20
C ARG A 16 -9.29 3.64 2.55
N ARG A 17 -8.20 2.92 2.70
CA ARG A 17 -7.39 3.00 3.91
C ARG A 17 -5.99 3.47 3.58
N LYS A 18 -5.55 4.51 4.29
CA LYS A 18 -4.24 5.11 4.05
C LYS A 18 -3.12 4.14 4.40
N ALA A 19 -2.04 4.21 3.65
CA ALA A 19 -0.91 3.33 3.85
C ALA A 19 0.14 3.98 4.74
N ASN A 20 0.50 3.30 5.83
CA ASN A 20 1.53 3.80 6.74
C ASN A 20 2.88 3.18 6.42
N ALA A 21 2.89 2.31 5.42
CA ALA A 21 4.11 1.63 5.00
C ALA A 21 4.11 1.46 3.49
N SER A 22 5.21 0.95 2.95
CA SER A 22 5.33 0.75 1.53
C SER A 22 6.36 -0.33 1.24
N CYS A 23 6.15 -1.07 0.16
CA CYS A 23 7.12 -2.04 -0.30
C CYS A 23 8.17 -1.33 -1.14
N LYS A 24 9.39 -1.25 -0.61
CA LYS A 24 10.46 -0.51 -1.27
C LYS A 24 10.79 -1.12 -2.63
N LYS A 25 10.68 -2.44 -2.72
CA LYS A 25 10.96 -3.13 -3.97
C LYS A 25 9.97 -2.73 -5.05
N CYS A 26 8.71 -2.78 -4.73
CA CYS A 26 7.65 -2.61 -5.72
C CYS A 26 7.13 -1.17 -5.77
N LYS A 27 7.54 -0.38 -4.78
CA LYS A 27 7.12 1.02 -4.65
C LYS A 27 5.60 1.13 -4.48
N LYS A 28 5.00 0.05 -4.00
CA LYS A 28 3.58 0.03 -3.72
C LYS A 28 3.34 0.23 -2.23
N VAL A 29 2.40 1.09 -1.90
CA VAL A 29 2.12 1.41 -0.51
C VAL A 29 1.16 0.41 0.10
N ILE A 30 1.36 0.12 1.38
CA ILE A 30 0.61 -0.91 2.07
C ILE A 30 0.23 -0.44 3.49
N CYS A 31 -0.93 -0.89 3.95
CA CYS A 31 -1.35 -0.60 5.31
C CYS A 31 -0.78 -1.67 6.22
N ARG A 32 -0.42 -1.28 7.44
CA ARG A 32 0.24 -2.18 8.37
C ARG A 32 -0.73 -3.23 8.91
N GLU A 33 -2.00 -3.06 8.58
CA GLU A 33 -3.02 -4.06 8.88
C GLU A 33 -2.95 -5.18 7.84
N HIS A 34 -2.41 -4.85 6.68
CA HIS A 34 -2.21 -5.83 5.61
C HIS A 34 -0.77 -6.33 5.64
N ASN A 35 0.16 -5.43 5.38
CA ASN A 35 1.57 -5.76 5.33
C ASN A 35 2.36 -4.73 6.13
N ILE A 36 3.17 -5.19 7.07
CA ILE A 36 3.92 -4.29 7.95
C ILE A 36 5.05 -3.59 7.18
N ASP A 37 5.65 -4.31 6.23
CA ASP A 37 6.71 -3.78 5.39
C ASP A 37 7.13 -4.84 4.38
N MET A 38 7.35 -4.40 3.13
CA MET A 38 7.64 -5.29 2.01
C MET A 38 6.45 -6.18 1.70
N CYS A 39 5.88 -5.98 0.52
CA CYS A 39 4.66 -6.67 0.13
C CYS A 39 4.98 -8.09 -0.30
N GLN A 40 3.94 -8.89 -0.56
CA GLN A 40 4.15 -10.27 -0.99
C GLN A 40 3.90 -10.40 -2.50
N SER A 41 3.72 -9.26 -3.15
CA SER A 41 3.53 -9.21 -4.58
C SER A 41 4.75 -8.54 -5.22
N CYS A 42 5.92 -9.08 -4.90
CA CYS A 42 7.18 -8.52 -5.39
C CYS A 42 7.61 -9.19 -6.68
N PHE A 43 8.91 -9.13 -6.96
CA PHE A 43 9.47 -9.66 -8.20
C PHE A 43 9.85 -11.12 -8.02
N VAL A 1 2.48 9.43 -13.14
CA VAL A 1 3.14 8.99 -11.88
C VAL A 1 2.44 9.57 -10.65
N MET A 2 1.41 10.39 -10.87
CA MET A 2 0.69 11.00 -9.77
C MET A 2 -0.36 10.04 -9.23
N LYS A 3 -0.31 9.79 -7.94
CA LYS A 3 -1.25 8.90 -7.29
C LYS A 3 -1.41 9.27 -5.83
N LYS A 4 -2.65 9.42 -5.39
CA LYS A 4 -2.94 9.64 -3.98
C LYS A 4 -2.46 8.43 -3.19
N ARG A 5 -1.40 8.63 -2.41
CA ARG A 5 -0.79 7.54 -1.67
C ARG A 5 -1.16 7.60 -0.20
N THR A 6 -2.44 7.78 0.07
CA THR A 6 -2.94 7.85 1.43
C THR A 6 -3.49 6.51 1.88
N TYR A 7 -4.15 5.82 0.96
CA TYR A 7 -4.80 4.56 1.28
C TYR A 7 -4.02 3.39 0.69
N CYS A 8 -4.09 2.28 1.40
CA CYS A 8 -3.40 1.05 1.01
C CYS A 8 -3.88 0.55 -0.34
N THR A 9 -2.94 0.29 -1.23
CA THR A 9 -3.25 -0.14 -2.58
C THR A 9 -3.75 -1.59 -2.61
N TYR A 10 -3.38 -2.37 -1.60
CA TYR A 10 -3.84 -3.76 -1.49
C TYR A 10 -5.20 -3.83 -0.81
N CYS A 11 -5.58 -2.75 -0.17
CA CYS A 11 -6.89 -2.65 0.44
C CYS A 11 -7.85 -1.96 -0.52
N PRO A 12 -9.05 -2.53 -0.72
CA PRO A 12 -10.07 -1.94 -1.58
C PRO A 12 -10.39 -0.51 -1.15
N SER A 13 -10.59 0.35 -2.14
CA SER A 13 -10.74 1.78 -1.92
C SER A 13 -11.93 2.10 -1.00
N LYS A 14 -12.93 1.24 -1.00
CA LYS A 14 -14.12 1.47 -0.16
C LYS A 14 -13.91 0.97 1.26
N ILE A 15 -12.74 0.41 1.53
CA ILE A 15 -12.38 0.04 2.90
C ILE A 15 -11.76 1.24 3.60
N ARG A 16 -11.16 2.12 2.79
CA ARG A 16 -10.53 3.35 3.27
C ARG A 16 -9.46 3.05 4.33
N ARG A 17 -8.70 2.00 4.09
CA ARG A 17 -7.63 1.61 4.99
C ARG A 17 -6.37 2.39 4.64
N LYS A 18 -5.86 3.15 5.59
CA LYS A 18 -4.74 4.05 5.34
C LYS A 18 -3.45 3.27 5.17
N ALA A 19 -2.58 3.76 4.28
CA ALA A 19 -1.30 3.15 4.07
C ALA A 19 -0.25 3.83 4.93
N ASN A 20 0.51 3.03 5.68
CA ASN A 20 1.54 3.58 6.56
C ASN A 20 2.93 3.25 6.02
N ALA A 21 2.99 2.30 5.09
CA ALA A 21 4.25 1.89 4.51
C ALA A 21 4.15 1.90 2.99
N SER A 22 5.29 1.91 2.32
CA SER A 22 5.31 1.91 0.88
C SER A 22 6.35 0.92 0.36
N CYS A 23 5.96 0.15 -0.65
CA CYS A 23 6.87 -0.77 -1.30
C CYS A 23 7.76 0.00 -2.24
N LYS A 24 9.05 0.06 -1.91
CA LYS A 24 9.98 0.94 -2.60
C LYS A 24 10.21 0.50 -4.04
N LYS A 25 10.09 -0.79 -4.27
CA LYS A 25 10.39 -1.37 -5.58
C LYS A 25 9.36 -0.93 -6.63
N CYS A 26 8.09 -0.92 -6.27
CA CYS A 26 7.04 -0.63 -7.25
C CYS A 26 6.30 0.67 -6.91
N LYS A 27 6.60 1.25 -5.75
CA LYS A 27 6.03 2.52 -5.31
C LYS A 27 4.55 2.40 -4.92
N LYS A 28 4.08 1.19 -4.67
CA LYS A 28 2.72 0.99 -4.20
C LYS A 28 2.69 1.04 -2.68
N VAL A 29 1.70 1.73 -2.13
CA VAL A 29 1.60 1.90 -0.69
C VAL A 29 0.73 0.82 -0.04
N ILE A 30 1.08 0.45 1.18
CA ILE A 30 0.43 -0.64 1.86
C ILE A 30 0.16 -0.31 3.33
N CYS A 31 -0.88 -0.94 3.88
CA CYS A 31 -1.29 -0.71 5.26
C CYS A 31 -0.47 -1.57 6.20
N ARG A 32 -0.65 -1.37 7.51
CA ARG A 32 0.15 -2.06 8.51
C ARG A 32 -0.23 -3.53 8.63
N GLU A 33 -1.25 -3.93 7.90
CA GLU A 33 -1.64 -5.33 7.83
C GLU A 33 -1.18 -5.95 6.52
N HIS A 34 -0.69 -5.10 5.62
CA HIS A 34 -0.24 -5.55 4.31
C HIS A 34 1.22 -5.18 4.08
N ASN A 35 1.89 -4.66 5.10
CA ASN A 35 3.27 -4.23 4.93
C ASN A 35 4.26 -5.29 5.38
N ILE A 36 5.15 -5.64 4.46
CA ILE A 36 6.26 -6.53 4.76
C ILE A 36 7.55 -5.73 4.54
N ASP A 37 7.41 -4.40 4.60
CA ASP A 37 8.43 -3.48 4.09
C ASP A 37 8.68 -3.81 2.62
N MET A 38 7.62 -4.30 2.00
CA MET A 38 7.66 -4.89 0.68
C MET A 38 6.25 -5.37 0.37
N CYS A 39 5.76 -5.20 -0.84
CA CYS A 39 4.41 -5.60 -1.15
C CYS A 39 4.38 -7.04 -1.62
N GLN A 40 3.24 -7.69 -1.53
CA GLN A 40 3.09 -9.09 -1.89
C GLN A 40 3.64 -9.38 -3.29
N SER A 41 3.33 -8.50 -4.24
CA SER A 41 3.69 -8.73 -5.63
C SER A 41 5.20 -8.70 -5.85
N CYS A 42 5.93 -7.98 -5.00
CA CYS A 42 7.38 -7.91 -5.13
C CYS A 42 8.06 -8.90 -4.18
N PHE A 43 7.28 -9.44 -3.25
CA PHE A 43 7.82 -10.36 -2.24
C PHE A 43 7.92 -11.77 -2.80
N VAL A 1 -6.99 16.22 -5.62
CA VAL A 1 -5.77 15.44 -5.28
C VAL A 1 -5.46 14.43 -6.38
N MET A 2 -4.20 14.32 -6.76
CA MET A 2 -3.76 13.35 -7.75
C MET A 2 -2.73 12.41 -7.14
N LYS A 3 -3.12 11.79 -6.04
CA LYS A 3 -2.23 10.90 -5.31
C LYS A 3 -2.92 9.58 -5.05
N LYS A 4 -2.66 8.61 -5.90
CA LYS A 4 -3.31 7.31 -5.80
C LYS A 4 -2.60 6.45 -4.76
N ARG A 5 -1.32 6.68 -4.58
CA ARG A 5 -0.51 5.84 -3.71
C ARG A 5 -0.47 6.37 -2.28
N THR A 6 -1.58 6.96 -1.85
CA THR A 6 -1.72 7.40 -0.47
C THR A 6 -2.46 6.33 0.33
N TYR A 7 -3.23 5.53 -0.37
CA TYR A 7 -4.03 4.48 0.23
C TYR A 7 -3.46 3.13 -0.10
N CYS A 8 -3.56 2.21 0.85
CA CYS A 8 -2.99 0.86 0.73
C CYS A 8 -3.44 0.18 -0.56
N THR A 9 -2.46 -0.29 -1.33
CA THR A 9 -2.70 -0.97 -2.59
C THR A 9 -3.41 -2.31 -2.38
N TYR A 10 -3.09 -2.96 -1.25
CA TYR A 10 -3.73 -4.21 -0.89
C TYR A 10 -5.19 -3.97 -0.52
N CYS A 11 -5.47 -2.78 -0.01
CA CYS A 11 -6.83 -2.39 0.33
C CYS A 11 -7.57 -1.91 -0.91
N PRO A 12 -8.86 -2.26 -1.05
CA PRO A 12 -9.71 -1.75 -2.13
C PRO A 12 -9.84 -0.24 -2.05
N SER A 13 -9.70 0.42 -3.20
CA SER A 13 -9.65 1.88 -3.26
C SER A 13 -10.93 2.52 -2.72
N LYS A 14 -12.04 1.79 -2.74
CA LYS A 14 -13.30 2.31 -2.21
C LYS A 14 -13.30 2.29 -0.67
N ILE A 15 -12.41 1.50 -0.09
CA ILE A 15 -12.29 1.46 1.36
C ILE A 15 -11.62 2.73 1.87
N ARG A 16 -10.64 3.21 1.12
CA ARG A 16 -9.87 4.41 1.48
C ARG A 16 -9.15 4.20 2.80
N ARG A 17 -8.30 3.20 2.86
CA ARG A 17 -7.52 2.93 4.04
C ARG A 17 -6.09 3.39 3.83
N LYS A 18 -5.64 4.28 4.69
CA LYS A 18 -4.36 4.95 4.52
C LYS A 18 -3.21 3.97 4.70
N ALA A 19 -2.15 4.17 3.95
CA ALA A 19 -0.99 3.29 4.03
C ALA A 19 0.12 3.91 4.87
N ASN A 20 0.41 3.30 6.00
CA ASN A 20 1.48 3.77 6.88
C ASN A 20 2.75 2.99 6.61
N ALA A 21 2.77 2.29 5.49
CA ALA A 21 3.93 1.54 5.05
C ALA A 21 3.98 1.51 3.54
N SER A 22 5.16 1.29 2.98
CA SER A 22 5.33 1.26 1.54
C SER A 22 6.34 0.19 1.15
N CYS A 23 5.98 -0.63 0.18
CA CYS A 23 6.87 -1.67 -0.31
C CYS A 23 7.93 -1.05 -1.21
N LYS A 24 9.12 -0.89 -0.65
CA LYS A 24 10.22 -0.21 -1.32
C LYS A 24 10.60 -0.89 -2.64
N LYS A 25 10.34 -2.19 -2.73
CA LYS A 25 10.66 -2.96 -3.93
C LYS A 25 9.84 -2.48 -5.13
N CYS A 26 8.53 -2.38 -4.98
CA CYS A 26 7.67 -2.07 -6.12
C CYS A 26 7.05 -0.68 -6.01
N LYS A 27 7.34 0.00 -4.91
CA LYS A 27 6.84 1.37 -4.67
C LYS A 27 5.32 1.38 -4.57
N LYS A 28 4.76 0.32 -4.03
CA LYS A 28 3.33 0.25 -3.76
C LYS A 28 3.10 0.31 -2.26
N VAL A 29 2.14 1.11 -1.85
CA VAL A 29 1.92 1.38 -0.45
C VAL A 29 0.99 0.35 0.18
N ILE A 30 1.22 0.04 1.45
CA ILE A 30 0.47 -1.01 2.13
C ILE A 30 0.12 -0.59 3.56
N CYS A 31 -0.94 -1.17 4.09
CA CYS A 31 -1.34 -0.92 5.46
C CYS A 31 -0.75 -2.00 6.35
N ARG A 32 -0.45 -1.63 7.60
CA ARG A 32 0.25 -2.50 8.53
C ARG A 32 -0.58 -3.73 8.89
N GLU A 33 -1.87 -3.69 8.58
CA GLU A 33 -2.75 -4.81 8.84
C GLU A 33 -2.69 -5.81 7.68
N HIS A 34 -2.25 -5.34 6.52
CA HIS A 34 -2.13 -6.20 5.35
C HIS A 34 -0.73 -6.80 5.26
N ASN A 35 0.27 -5.97 5.52
CA ASN A 35 1.66 -6.41 5.50
C ASN A 35 2.46 -5.64 6.53
N ILE A 36 3.74 -5.94 6.66
CA ILE A 36 4.60 -5.23 7.57
C ILE A 36 5.25 -4.03 6.88
N ASP A 37 6.12 -4.32 5.93
CA ASP A 37 6.86 -3.28 5.22
C ASP A 37 7.01 -3.63 3.75
N MET A 38 7.32 -4.90 3.48
CA MET A 38 7.47 -5.37 2.11
C MET A 38 6.22 -6.11 1.68
N CYS A 39 5.74 -5.81 0.47
CA CYS A 39 4.58 -6.50 -0.06
C CYS A 39 5.06 -7.76 -0.76
N GLN A 40 4.23 -8.77 -0.78
CA GLN A 40 4.62 -10.07 -1.29
C GLN A 40 4.00 -10.34 -2.65
N SER A 41 3.69 -9.27 -3.38
CA SER A 41 3.07 -9.39 -4.69
C SER A 41 3.99 -8.83 -5.79
N CYS A 42 5.28 -8.68 -5.50
CA CYS A 42 6.21 -8.22 -6.52
C CYS A 42 7.41 -9.17 -6.62
N PHE A 43 8.42 -8.94 -5.79
CA PHE A 43 9.62 -9.76 -5.82
C PHE A 43 10.33 -9.70 -4.47
N VAL A 1 -8.53 17.59 -5.32
CA VAL A 1 -7.59 16.83 -4.48
C VAL A 1 -7.80 15.33 -4.65
N MET A 2 -6.73 14.62 -4.98
CA MET A 2 -6.80 13.17 -5.15
C MET A 2 -5.40 12.55 -5.11
N LYS A 3 -5.19 11.64 -4.18
CA LYS A 3 -3.91 10.97 -4.04
C LYS A 3 -4.10 9.46 -3.99
N LYS A 4 -3.47 8.78 -4.92
CA LYS A 4 -3.61 7.33 -5.04
C LYS A 4 -2.59 6.63 -4.15
N ARG A 5 -1.34 7.06 -4.23
CA ARG A 5 -0.24 6.40 -3.54
C ARG A 5 -0.18 6.77 -2.06
N THR A 6 -1.15 7.53 -1.59
CA THR A 6 -1.27 7.81 -0.17
C THR A 6 -2.12 6.72 0.48
N TYR A 7 -2.85 6.00 -0.35
CA TYR A 7 -3.72 4.94 0.11
C TYR A 7 -3.20 3.60 -0.35
N CYS A 8 -3.43 2.58 0.47
CA CYS A 8 -2.94 1.24 0.23
C CYS A 8 -3.48 0.67 -1.08
N THR A 9 -2.56 0.27 -1.94
CA THR A 9 -2.89 -0.27 -3.25
C THR A 9 -3.61 -1.62 -3.11
N TYR A 10 -3.28 -2.34 -2.04
CA TYR A 10 -3.86 -3.66 -1.81
C TYR A 10 -5.24 -3.53 -1.19
N CYS A 11 -5.54 -2.36 -0.65
CA CYS A 11 -6.86 -2.07 -0.13
C CYS A 11 -7.73 -1.51 -1.24
N PRO A 12 -8.97 -1.99 -1.38
CA PRO A 12 -9.91 -1.51 -2.38
C PRO A 12 -10.16 -0.01 -2.24
N SER A 13 -10.28 0.67 -3.37
CA SER A 13 -10.42 2.12 -3.40
C SER A 13 -11.69 2.60 -2.71
N LYS A 14 -12.67 1.71 -2.59
CA LYS A 14 -13.90 2.04 -1.88
C LYS A 14 -13.69 1.95 -0.37
N ILE A 15 -12.63 1.27 0.05
CA ILE A 15 -12.31 1.15 1.46
C ILE A 15 -11.57 2.39 1.95
N ARG A 16 -10.72 2.95 1.09
CA ARG A 16 -9.95 4.15 1.41
C ARG A 16 -9.14 3.95 2.69
N ARG A 17 -8.17 3.06 2.63
CA ARG A 17 -7.32 2.79 3.77
C ARG A 17 -5.91 3.33 3.52
N LYS A 18 -5.48 4.24 4.39
CA LYS A 18 -4.19 4.91 4.23
C LYS A 18 -3.04 3.91 4.26
N ALA A 19 -1.98 4.22 3.53
CA ALA A 19 -0.80 3.39 3.49
C ALA A 19 0.37 4.07 4.17
N ASN A 20 0.80 3.52 5.30
CA ASN A 20 1.93 4.08 6.05
C ASN A 20 3.25 3.49 5.54
N ALA A 21 3.17 2.32 4.91
CA ALA A 21 4.36 1.64 4.44
C ALA A 21 4.37 1.54 2.92
N SER A 22 5.53 1.27 2.37
CA SER A 22 5.69 1.15 0.93
C SER A 22 6.67 0.04 0.62
N CYS A 23 6.48 -0.64 -0.50
CA CYS A 23 7.36 -1.71 -0.91
C CYS A 23 8.46 -1.17 -1.83
N LYS A 24 9.70 -1.30 -1.36
CA LYS A 24 10.85 -0.65 -1.99
C LYS A 24 11.04 -1.04 -3.46
N LYS A 25 10.84 -2.31 -3.77
CA LYS A 25 11.10 -2.80 -5.12
C LYS A 25 10.02 -2.37 -6.12
N CYS A 26 8.77 -2.69 -5.85
CA CYS A 26 7.71 -2.44 -6.82
C CYS A 26 7.14 -1.03 -6.66
N LYS A 27 7.48 -0.38 -5.54
CA LYS A 27 7.07 1.00 -5.26
C LYS A 27 5.57 1.11 -5.01
N LYS A 28 4.94 -0.01 -4.68
CA LYS A 28 3.53 -0.01 -4.31
C LYS A 28 3.40 0.27 -2.82
N VAL A 29 2.42 1.09 -2.47
CA VAL A 29 2.21 1.46 -1.08
C VAL A 29 1.21 0.53 -0.42
N ILE A 30 1.46 0.20 0.84
CA ILE A 30 0.68 -0.81 1.54
C ILE A 30 0.40 -0.40 2.98
N CYS A 31 -0.77 -0.81 3.46
CA CYS A 31 -1.20 -0.48 4.81
C CYS A 31 -0.56 -1.43 5.81
N ARG A 32 -0.59 -1.05 7.09
CA ARG A 32 0.01 -1.85 8.15
C ARG A 32 -0.75 -3.16 8.36
N GLU A 33 -1.85 -3.33 7.64
CA GLU A 33 -2.62 -4.57 7.70
C GLU A 33 -2.34 -5.46 6.48
N HIS A 34 -1.57 -4.92 5.54
CA HIS A 34 -1.25 -5.66 4.32
C HIS A 34 0.26 -5.79 4.13
N ASN A 35 1.02 -5.18 5.03
CA ASN A 35 2.45 -5.06 4.83
C ASN A 35 3.24 -6.03 5.71
N ILE A 36 4.35 -6.49 5.17
CA ILE A 36 5.39 -7.14 5.95
C ILE A 36 6.62 -6.23 5.92
N ASP A 37 6.34 -4.92 5.92
CA ASP A 37 7.35 -3.88 5.65
C ASP A 37 7.94 -4.12 4.27
N MET A 38 7.08 -4.63 3.40
CA MET A 38 7.43 -5.11 2.08
C MET A 38 6.19 -5.81 1.55
N CYS A 39 6.07 -6.00 0.24
CA CYS A 39 4.94 -6.75 -0.28
C CYS A 39 5.40 -8.15 -0.63
N GLN A 40 4.54 -9.13 -0.37
CA GLN A 40 4.89 -10.54 -0.58
C GLN A 40 4.95 -10.88 -2.07
N SER A 41 4.54 -9.94 -2.91
CA SER A 41 4.64 -10.12 -4.35
C SER A 41 6.09 -9.95 -4.79
N CYS A 42 6.89 -9.29 -3.97
CA CYS A 42 8.32 -9.15 -4.22
C CYS A 42 9.10 -10.19 -3.43
N PHE A 43 8.38 -11.00 -2.67
CA PHE A 43 9.00 -12.02 -1.83
C PHE A 43 9.17 -13.30 -2.63
N VAL A 1 -7.52 13.91 -7.40
CA VAL A 1 -6.85 13.95 -6.09
C VAL A 1 -5.35 13.71 -6.25
N MET A 2 -4.56 14.37 -5.42
CA MET A 2 -3.10 14.24 -5.48
C MET A 2 -2.65 12.95 -4.81
N LYS A 3 -1.86 12.16 -5.54
CA LYS A 3 -1.31 10.90 -5.05
C LYS A 3 -2.41 9.88 -4.74
N LYS A 4 -2.64 9.00 -5.69
CA LYS A 4 -3.55 7.87 -5.49
C LYS A 4 -2.92 6.91 -4.50
N ARG A 5 -1.60 6.90 -4.50
CA ARG A 5 -0.84 6.03 -3.62
C ARG A 5 -0.73 6.60 -2.21
N THR A 6 -1.87 7.03 -1.70
CA THR A 6 -1.99 7.47 -0.32
C THR A 6 -2.80 6.44 0.46
N TYR A 7 -3.49 5.60 -0.30
CA TYR A 7 -4.33 4.56 0.28
C TYR A 7 -3.84 3.20 -0.18
N CYS A 8 -3.92 2.24 0.73
CA CYS A 8 -3.37 0.91 0.53
C CYS A 8 -3.86 0.28 -0.78
N THR A 9 -2.90 -0.06 -1.64
CA THR A 9 -3.18 -0.63 -2.94
C THR A 9 -3.81 -2.02 -2.81
N TYR A 10 -3.57 -2.67 -1.67
CA TYR A 10 -4.13 -3.98 -1.40
C TYR A 10 -5.55 -3.87 -0.84
N CYS A 11 -5.87 -2.69 -0.32
CA CYS A 11 -7.20 -2.43 0.23
C CYS A 11 -8.13 -1.91 -0.85
N PRO A 12 -9.45 -2.07 -0.68
CA PRO A 12 -10.44 -1.49 -1.57
C PRO A 12 -10.54 0.01 -1.36
N SER A 13 -10.42 0.76 -2.44
CA SER A 13 -10.30 2.20 -2.39
C SER A 13 -11.50 2.86 -1.68
N LYS A 14 -12.67 2.24 -1.78
CA LYS A 14 -13.86 2.79 -1.16
C LYS A 14 -13.84 2.64 0.37
N ILE A 15 -12.92 1.83 0.88
CA ILE A 15 -12.81 1.66 2.32
C ILE A 15 -11.91 2.74 2.91
N ARG A 16 -11.16 3.39 2.01
CA ARG A 16 -10.35 4.58 2.34
C ARG A 16 -9.34 4.30 3.46
N ARG A 17 -8.70 3.14 3.41
CA ARG A 17 -7.69 2.80 4.41
C ARG A 17 -6.35 3.41 4.04
N LYS A 18 -5.83 4.24 4.93
CA LYS A 18 -4.57 4.92 4.71
C LYS A 18 -3.42 3.93 4.61
N ALA A 19 -2.49 4.19 3.70
CA ALA A 19 -1.32 3.35 3.56
C ALA A 19 -0.15 3.96 4.33
N ASN A 20 0.09 3.46 5.53
CA ASN A 20 1.17 3.99 6.36
C ASN A 20 2.50 3.33 6.01
N ALA A 21 2.48 2.45 5.03
CA ALA A 21 3.67 1.77 4.58
C ALA A 21 3.70 1.67 3.07
N SER A 22 4.87 1.42 2.52
CA SER A 22 5.04 1.29 1.09
C SER A 22 6.13 0.27 0.78
N CYS A 23 5.84 -0.61 -0.15
CA CYS A 23 6.77 -1.67 -0.52
C CYS A 23 7.99 -1.09 -1.22
N LYS A 24 9.14 -1.32 -0.61
CA LYS A 24 10.40 -0.68 -1.01
C LYS A 24 10.76 -0.97 -2.46
N LYS A 25 10.45 -2.17 -2.94
CA LYS A 25 10.89 -2.58 -4.27
C LYS A 25 10.01 -1.99 -5.38
N CYS A 26 8.69 -2.15 -5.25
CA CYS A 26 7.79 -1.76 -6.33
C CYS A 26 7.17 -0.38 -6.09
N LYS A 27 7.37 0.15 -4.88
CA LYS A 27 6.89 1.48 -4.51
C LYS A 27 5.37 1.56 -4.44
N LYS A 28 4.72 0.40 -4.33
CA LYS A 28 3.28 0.36 -4.07
C LYS A 28 3.02 0.59 -2.59
N VAL A 29 1.90 1.18 -2.27
CA VAL A 29 1.60 1.51 -0.89
C VAL A 29 0.69 0.45 -0.26
N ILE A 30 0.97 0.13 1.00
CA ILE A 30 0.27 -0.94 1.68
C ILE A 30 -0.06 -0.54 3.12
N CYS A 31 -1.10 -1.13 3.66
CA CYS A 31 -1.47 -0.88 5.04
C CYS A 31 -0.78 -1.91 5.94
N ARG A 32 -0.46 -1.48 7.15
CA ARG A 32 0.26 -2.32 8.12
C ARG A 32 -0.59 -3.47 8.60
N GLU A 33 -1.86 -3.46 8.22
CA GLU A 33 -2.78 -4.55 8.53
C GLU A 33 -2.72 -5.61 7.44
N HIS A 34 -2.29 -5.22 6.25
CA HIS A 34 -2.20 -6.16 5.13
C HIS A 34 -0.84 -6.81 5.08
N ASN A 35 0.20 -5.98 4.98
CA ASN A 35 1.56 -6.48 4.85
C ASN A 35 2.46 -5.78 5.87
N ILE A 36 3.76 -6.00 5.78
CA ILE A 36 4.70 -5.36 6.69
C ILE A 36 5.20 -4.03 6.11
N ASP A 37 6.32 -4.06 5.38
CA ASP A 37 6.79 -2.89 4.63
C ASP A 37 7.18 -3.32 3.24
N MET A 38 6.69 -4.48 2.86
CA MET A 38 7.01 -5.09 1.58
C MET A 38 5.85 -5.94 1.13
N CYS A 39 5.49 -5.84 -0.14
CA CYS A 39 4.38 -6.59 -0.68
C CYS A 39 4.86 -7.99 -1.04
N GLN A 40 3.93 -8.94 -1.10
CA GLN A 40 4.27 -10.34 -1.29
C GLN A 40 4.59 -10.64 -2.76
N SER A 41 4.67 -9.61 -3.58
CA SER A 41 5.03 -9.76 -4.98
C SER A 41 6.45 -9.24 -5.24
N CYS A 42 7.20 -9.04 -4.17
CA CYS A 42 8.59 -8.62 -4.27
C CYS A 42 9.51 -9.53 -3.47
N PHE A 43 10.70 -9.78 -4.01
CA PHE A 43 11.71 -10.61 -3.36
C PHE A 43 11.17 -12.01 -3.05
N VAL A 1 -3.07 15.32 -8.01
CA VAL A 1 -4.53 15.33 -8.18
C VAL A 1 -5.16 14.08 -7.55
N MET A 2 -4.51 12.94 -7.75
CA MET A 2 -5.00 11.68 -7.19
C MET A 2 -4.03 11.18 -6.12
N LYS A 3 -4.54 10.94 -4.91
CA LYS A 3 -3.71 10.43 -3.82
C LYS A 3 -3.67 8.91 -3.86
N LYS A 4 -3.00 8.38 -4.86
CA LYS A 4 -2.89 6.94 -5.02
C LYS A 4 -1.79 6.38 -4.12
N ARG A 5 -0.72 7.15 -3.97
CA ARG A 5 0.43 6.71 -3.19
C ARG A 5 0.25 7.06 -1.71
N THR A 6 -0.98 7.36 -1.34
CA THR A 6 -1.31 7.67 0.04
C THR A 6 -2.10 6.53 0.67
N TYR A 7 -2.82 5.80 -0.16
CA TYR A 7 -3.69 4.74 0.31
C TYR A 7 -3.16 3.39 -0.13
N CYS A 8 -3.33 2.41 0.75
CA CYS A 8 -2.83 1.06 0.54
C CYS A 8 -3.33 0.48 -0.78
N THR A 9 -2.38 0.13 -1.64
CA THR A 9 -2.67 -0.43 -2.95
C THR A 9 -3.34 -1.80 -2.83
N TYR A 10 -3.04 -2.49 -1.72
CA TYR A 10 -3.61 -3.82 -1.47
C TYR A 10 -5.02 -3.72 -0.93
N CYS A 11 -5.40 -2.56 -0.43
CA CYS A 11 -6.74 -2.33 0.07
C CYS A 11 -7.65 -1.87 -1.06
N PRO A 12 -8.90 -2.35 -1.08
CA PRO A 12 -9.90 -1.88 -2.04
C PRO A 12 -10.16 -0.39 -1.85
N SER A 13 -10.28 0.32 -2.96
CA SER A 13 -10.37 1.78 -2.95
C SER A 13 -11.58 2.28 -2.16
N LYS A 14 -12.60 1.44 -2.02
CA LYS A 14 -13.80 1.79 -1.26
C LYS A 14 -13.58 1.61 0.24
N ILE A 15 -12.49 0.96 0.61
CA ILE A 15 -12.17 0.73 2.01
C ILE A 15 -11.37 1.90 2.56
N ARG A 16 -10.54 2.51 1.71
CA ARG A 16 -9.78 3.70 2.06
C ARG A 16 -8.92 3.49 3.30
N ARG A 17 -7.87 2.70 3.15
CA ARG A 17 -6.93 2.48 4.24
C ARG A 17 -5.63 3.20 3.95
N LYS A 18 -5.31 4.19 4.77
CA LYS A 18 -4.09 4.95 4.62
C LYS A 18 -2.89 4.05 4.82
N ALA A 19 -1.93 4.15 3.91
CA ALA A 19 -0.76 3.30 3.96
C ALA A 19 0.33 3.91 4.84
N ASN A 20 0.60 3.28 5.97
CA ASN A 20 1.67 3.72 6.85
C ASN A 20 2.96 2.97 6.55
N ALA A 21 2.89 2.09 5.56
CA ALA A 21 4.04 1.33 5.11
C ALA A 21 4.14 1.40 3.59
N SER A 22 5.30 1.06 3.06
CA SER A 22 5.52 1.11 1.63
C SER A 22 6.42 -0.03 1.18
N CYS A 23 6.34 -0.37 -0.09
CA CYS A 23 7.22 -1.35 -0.69
C CYS A 23 8.24 -0.63 -1.55
N LYS A 24 9.44 -0.42 -1.03
CA LYS A 24 10.46 0.37 -1.73
C LYS A 24 10.94 -0.33 -2.99
N LYS A 25 10.57 -1.60 -3.13
CA LYS A 25 10.98 -2.37 -4.29
C LYS A 25 10.20 -1.98 -5.54
N CYS A 26 8.99 -1.46 -5.37
CA CYS A 26 8.16 -1.09 -6.51
C CYS A 26 7.44 0.25 -6.30
N LYS A 27 7.59 0.82 -5.09
CA LYS A 27 7.00 2.10 -4.73
C LYS A 27 5.47 2.03 -4.57
N LYS A 28 4.97 0.84 -4.32
CA LYS A 28 3.56 0.68 -3.97
C LYS A 28 3.41 0.79 -2.46
N VAL A 29 2.37 1.46 -2.01
CA VAL A 29 2.18 1.68 -0.58
C VAL A 29 1.18 0.69 0.00
N ILE A 30 1.41 0.27 1.23
CA ILE A 30 0.61 -0.79 1.86
C ILE A 30 0.30 -0.46 3.32
N CYS A 31 -0.85 -0.94 3.78
CA CYS A 31 -1.30 -0.68 5.14
C CYS A 31 -0.67 -1.70 6.09
N ARG A 32 -0.79 -1.45 7.39
CA ARG A 32 -0.19 -2.32 8.40
C ARG A 32 -0.93 -3.65 8.52
N GLU A 33 -1.99 -3.82 7.76
CA GLU A 33 -2.67 -5.11 7.68
C GLU A 33 -2.23 -5.86 6.43
N HIS A 34 -1.53 -5.15 5.55
CA HIS A 34 -1.07 -5.71 4.29
C HIS A 34 0.43 -5.46 4.12
N ASN A 35 1.13 -5.21 5.22
CA ASN A 35 2.52 -4.82 5.14
C ASN A 35 3.45 -5.95 5.55
N ILE A 36 4.37 -6.25 4.67
CA ILE A 36 5.54 -7.05 5.00
C ILE A 36 6.74 -6.11 4.99
N ASP A 37 6.42 -4.81 4.90
CA ASP A 37 7.41 -3.77 4.57
C ASP A 37 7.97 -4.03 3.19
N MET A 38 7.19 -4.79 2.45
CA MET A 38 7.47 -5.19 1.09
C MET A 38 6.23 -5.90 0.58
N CYS A 39 5.77 -5.54 -0.59
CA CYS A 39 4.53 -6.09 -1.10
C CYS A 39 4.76 -7.51 -1.59
N GLN A 40 3.67 -8.28 -1.61
CA GLN A 40 3.73 -9.69 -1.97
C GLN A 40 4.10 -9.86 -3.44
N SER A 41 3.98 -8.78 -4.19
CA SER A 41 4.35 -8.78 -5.60
C SER A 41 5.86 -8.73 -5.77
N CYS A 42 6.57 -8.32 -4.72
CA CYS A 42 8.03 -8.32 -4.72
C CYS A 42 8.56 -9.41 -3.79
N PHE A 43 7.65 -10.13 -3.16
CA PHE A 43 8.01 -11.20 -2.23
C PHE A 43 8.57 -12.39 -2.98
N VAL A 1 -8.83 14.39 -7.97
CA VAL A 1 -8.27 13.19 -7.31
C VAL A 1 -6.81 13.00 -7.72
N MET A 2 -5.91 13.10 -6.75
CA MET A 2 -4.48 12.95 -7.02
C MET A 2 -3.82 12.21 -5.85
N LYS A 3 -2.76 11.47 -6.16
CA LYS A 3 -2.01 10.70 -5.17
C LYS A 3 -2.88 9.61 -4.55
N LYS A 4 -3.09 8.54 -5.30
CA LYS A 4 -3.80 7.38 -4.80
C LYS A 4 -2.89 6.58 -3.88
N ARG A 5 -1.58 6.83 -4.01
CA ARG A 5 -0.58 6.16 -3.17
C ARG A 5 -0.56 6.74 -1.76
N THR A 6 -1.62 7.44 -1.40
CA THR A 6 -1.82 7.89 -0.04
C THR A 6 -2.49 6.77 0.76
N TYR A 7 -3.12 5.87 0.03
CA TYR A 7 -3.85 4.77 0.62
C TYR A 7 -3.33 3.44 0.09
N CYS A 8 -3.45 2.41 0.92
CA CYS A 8 -2.93 1.08 0.62
C CYS A 8 -3.40 0.57 -0.74
N THR A 9 -2.42 0.24 -1.59
CA THR A 9 -2.67 -0.25 -2.93
C THR A 9 -3.39 -1.60 -2.90
N TYR A 10 -3.17 -2.35 -1.82
CA TYR A 10 -3.81 -3.65 -1.66
C TYR A 10 -5.24 -3.51 -1.16
N CYS A 11 -5.50 -2.40 -0.47
CA CYS A 11 -6.85 -2.10 -0.01
C CYS A 11 -7.63 -1.43 -1.15
N PRO A 12 -8.88 -1.85 -1.37
CA PRO A 12 -9.74 -1.27 -2.41
C PRO A 12 -9.92 0.23 -2.22
N SER A 13 -9.97 0.96 -3.33
CA SER A 13 -10.08 2.42 -3.29
C SER A 13 -11.41 2.87 -2.67
N LYS A 14 -12.35 1.94 -2.55
CA LYS A 14 -13.61 2.22 -1.90
C LYS A 14 -13.45 2.18 -0.38
N ILE A 15 -12.37 1.56 0.07
CA ILE A 15 -12.08 1.45 1.49
C ILE A 15 -11.24 2.65 1.95
N ARG A 16 -10.19 2.95 1.20
CA ARG A 16 -9.28 4.04 1.55
C ARG A 16 -8.63 3.78 2.91
N ARG A 17 -7.75 2.81 2.95
CA ARG A 17 -7.05 2.48 4.18
C ARG A 17 -5.67 3.12 4.16
N LYS A 18 -5.36 3.88 5.20
CA LYS A 18 -4.10 4.60 5.30
C LYS A 18 -2.92 3.65 5.16
N ALA A 19 -2.10 3.89 4.15
CA ALA A 19 -0.90 3.10 3.94
C ALA A 19 0.24 3.66 4.76
N ASN A 20 0.46 3.08 5.92
CA ASN A 20 1.51 3.54 6.82
C ASN A 20 2.86 3.03 6.35
N ALA A 21 2.84 2.09 5.42
CA ALA A 21 4.06 1.48 4.92
C ALA A 21 4.10 1.51 3.41
N SER A 22 5.27 1.21 2.87
CA SER A 22 5.45 1.14 1.43
C SER A 22 6.44 0.03 1.10
N CYS A 23 6.18 -0.66 0.00
CA CYS A 23 7.02 -1.77 -0.40
C CYS A 23 8.29 -1.27 -1.10
N LYS A 24 9.41 -1.42 -0.41
CA LYS A 24 10.69 -0.90 -0.89
C LYS A 24 11.27 -1.78 -2.01
N LYS A 25 10.62 -1.75 -3.15
CA LYS A 25 11.10 -2.43 -4.35
C LYS A 25 10.22 -2.03 -5.53
N CYS A 26 8.91 -2.07 -5.32
CA CYS A 26 7.97 -1.67 -6.35
C CYS A 26 7.36 -0.30 -6.02
N LYS A 27 7.56 0.11 -4.76
CA LYS A 27 7.12 1.42 -4.28
C LYS A 27 5.60 1.52 -4.18
N LYS A 28 4.94 0.37 -4.15
CA LYS A 28 3.51 0.33 -3.87
C LYS A 28 3.29 0.54 -2.37
N VAL A 29 2.37 1.41 -2.03
CA VAL A 29 2.09 1.69 -0.63
C VAL A 29 1.11 0.67 -0.08
N ILE A 30 1.35 0.23 1.13
CA ILE A 30 0.58 -0.87 1.70
C ILE A 30 0.27 -0.64 3.16
N CYS A 31 -0.82 -1.23 3.60
CA CYS A 31 -1.14 -1.26 5.02
C CYS A 31 -0.49 -2.51 5.60
N ARG A 32 0.07 -2.41 6.80
CA ARG A 32 0.75 -3.55 7.40
C ARG A 32 -0.25 -4.55 7.95
N GLU A 33 -1.52 -4.28 7.72
CA GLU A 33 -2.56 -5.24 7.97
C GLU A 33 -2.69 -6.15 6.75
N HIS A 34 -2.11 -5.70 5.64
CA HIS A 34 -2.04 -6.49 4.42
C HIS A 34 -0.66 -7.12 4.29
N ASN A 35 0.37 -6.29 4.30
CA ASN A 35 1.75 -6.75 4.14
C ASN A 35 2.70 -5.91 4.99
N ILE A 36 3.72 -6.55 5.54
CA ILE A 36 4.63 -5.87 6.46
C ILE A 36 5.78 -5.21 5.71
N ASP A 37 5.53 -3.99 5.22
CA ASP A 37 6.55 -3.15 4.58
C ASP A 37 7.15 -3.80 3.33
N MET A 38 6.53 -4.88 2.88
CA MET A 38 6.96 -5.57 1.67
C MET A 38 5.77 -6.30 1.07
N CYS A 39 5.42 -5.97 -0.15
CA CYS A 39 4.22 -6.54 -0.76
C CYS A 39 4.50 -7.94 -1.24
N GLN A 40 3.47 -8.77 -1.21
CA GLN A 40 3.59 -10.19 -1.57
C GLN A 40 3.85 -10.37 -3.06
N SER A 41 3.79 -9.28 -3.83
CA SER A 41 4.11 -9.34 -5.25
C SER A 41 5.62 -9.24 -5.46
N CYS A 42 6.34 -8.88 -4.41
CA CYS A 42 7.79 -8.82 -4.47
C CYS A 42 8.41 -10.00 -3.70
N PHE A 43 9.69 -9.91 -3.41
CA PHE A 43 10.40 -10.97 -2.71
C PHE A 43 9.90 -11.12 -1.28
N VAL A 1 -7.28 15.92 -8.15
CA VAL A 1 -6.03 15.40 -7.56
C VAL A 1 -6.23 13.95 -7.13
N MET A 2 -5.41 13.05 -7.66
CA MET A 2 -5.50 11.65 -7.31
C MET A 2 -4.29 11.21 -6.52
N LYS A 3 -4.52 10.68 -5.34
CA LYS A 3 -3.45 10.24 -4.46
C LYS A 3 -3.52 8.73 -4.26
N LYS A 4 -3.21 7.99 -5.32
CA LYS A 4 -3.28 6.54 -5.27
C LYS A 4 -2.16 5.96 -4.42
N ARG A 5 -1.06 6.68 -4.32
CA ARG A 5 0.08 6.22 -3.54
C ARG A 5 0.08 6.88 -2.16
N THR A 6 -1.11 7.22 -1.69
CA THR A 6 -1.31 7.72 -0.34
C THR A 6 -2.10 6.71 0.48
N TYR A 7 -3.00 6.02 -0.19
CA TYR A 7 -3.80 4.99 0.42
C TYR A 7 -3.28 3.63 0.01
N CYS A 8 -3.36 2.68 0.93
CA CYS A 8 -2.83 1.34 0.72
C CYS A 8 -3.34 0.73 -0.58
N THR A 9 -2.40 0.40 -1.45
CA THR A 9 -2.71 -0.12 -2.77
C THR A 9 -3.37 -1.50 -2.69
N TYR A 10 -3.01 -2.26 -1.66
CA TYR A 10 -3.57 -3.60 -1.48
C TYR A 10 -4.93 -3.54 -0.80
N CYS A 11 -5.26 -2.37 -0.28
CA CYS A 11 -6.61 -2.14 0.23
C CYS A 11 -7.50 -1.70 -0.91
N PRO A 12 -8.79 -2.11 -0.89
CA PRO A 12 -9.76 -1.69 -1.89
C PRO A 12 -9.98 -0.18 -1.84
N SER A 13 -10.02 0.43 -3.02
CA SER A 13 -10.05 1.90 -3.15
C SER A 13 -11.22 2.53 -2.40
N LYS A 14 -12.31 1.78 -2.23
CA LYS A 14 -13.49 2.28 -1.53
C LYS A 14 -13.27 2.30 -0.02
N ILE A 15 -12.36 1.47 0.46
CA ILE A 15 -12.08 1.37 1.88
C ILE A 15 -11.32 2.60 2.36
N ARG A 16 -10.45 3.13 1.50
CA ARG A 16 -9.67 4.32 1.81
C ARG A 16 -8.89 4.14 3.12
N ARG A 17 -7.94 3.22 3.10
CA ARG A 17 -7.10 2.96 4.24
C ARG A 17 -5.73 3.61 4.02
N LYS A 18 -5.37 4.52 4.91
CA LYS A 18 -4.09 5.22 4.79
C LYS A 18 -2.94 4.24 4.90
N ALA A 19 -1.96 4.41 4.03
CA ALA A 19 -0.79 3.54 4.03
C ALA A 19 0.16 3.96 5.14
N ASN A 20 0.87 2.98 5.69
CA ASN A 20 1.79 3.23 6.79
C ASN A 20 3.23 3.09 6.31
N ALA A 21 3.41 2.33 5.25
CA ALA A 21 4.71 2.06 4.70
C ALA A 21 4.63 1.91 3.18
N SER A 22 5.78 1.90 2.53
CA SER A 22 5.82 1.74 1.09
C SER A 22 6.75 0.60 0.73
N CYS A 23 6.30 -0.27 -0.16
CA CYS A 23 7.12 -1.35 -0.65
C CYS A 23 8.22 -0.80 -1.55
N LYS A 24 9.45 -0.86 -1.06
CA LYS A 24 10.58 -0.20 -1.72
C LYS A 24 10.85 -0.80 -3.09
N LYS A 25 10.39 -2.02 -3.31
CA LYS A 25 10.68 -2.75 -4.54
C LYS A 25 9.78 -2.31 -5.69
N CYS A 26 8.65 -1.67 -5.39
CA CYS A 26 7.74 -1.27 -6.46
C CYS A 26 7.12 0.11 -6.22
N LYS A 27 7.43 0.72 -5.07
CA LYS A 27 6.94 2.05 -4.72
C LYS A 27 5.42 2.06 -4.50
N LYS A 28 4.86 0.89 -4.24
CA LYS A 28 3.45 0.80 -3.91
C LYS A 28 3.27 0.84 -2.40
N VAL A 29 2.29 1.59 -1.96
CA VAL A 29 2.12 1.86 -0.53
C VAL A 29 1.15 0.87 0.11
N ILE A 30 1.42 0.51 1.35
CA ILE A 30 0.68 -0.55 2.03
C ILE A 30 0.35 -0.16 3.47
N CYS A 31 -0.73 -0.75 3.98
CA CYS A 31 -1.14 -0.55 5.37
C CYS A 31 -0.51 -1.63 6.24
N ARG A 32 -0.49 -1.44 7.56
CA ARG A 32 0.13 -2.41 8.46
C ARG A 32 -0.45 -3.80 8.25
N GLU A 33 -1.75 -3.88 8.06
CA GLU A 33 -2.45 -5.15 7.87
C GLU A 33 -1.99 -5.84 6.59
N HIS A 34 -1.46 -5.07 5.66
CA HIS A 34 -0.97 -5.60 4.39
C HIS A 34 0.53 -5.41 4.27
N ASN A 35 1.18 -5.12 5.39
CA ASN A 35 2.59 -4.72 5.39
C ASN A 35 3.51 -5.79 5.93
N ILE A 36 4.48 -6.16 5.12
CA ILE A 36 5.63 -6.95 5.56
C ILE A 36 6.89 -6.15 5.26
N ASP A 37 6.76 -4.83 5.47
CA ASP A 37 7.73 -3.80 5.01
C ASP A 37 8.00 -3.89 3.51
N MET A 38 7.21 -4.74 2.87
CA MET A 38 7.25 -4.96 1.43
C MET A 38 5.88 -5.44 1.03
N CYS A 39 5.64 -5.57 -0.26
CA CYS A 39 4.37 -6.12 -0.72
C CYS A 39 4.60 -7.52 -1.25
N GLN A 40 3.58 -8.36 -1.09
CA GLN A 40 3.68 -9.79 -1.39
C GLN A 40 4.00 -10.07 -2.86
N SER A 41 3.83 -9.07 -3.73
CA SER A 41 4.14 -9.22 -5.14
C SER A 41 5.65 -9.12 -5.36
N CYS A 42 6.37 -8.56 -4.39
CA CYS A 42 7.81 -8.44 -4.48
C CYS A 42 8.50 -9.42 -3.55
N PHE A 43 7.71 -10.21 -2.82
CA PHE A 43 8.26 -11.18 -1.89
C PHE A 43 8.77 -12.41 -2.64
N VAL A 1 -2.73 12.97 -13.36
CA VAL A 1 -1.93 12.80 -12.12
C VAL A 1 -2.36 11.54 -11.37
N MET A 2 -1.39 10.72 -11.00
CA MET A 2 -1.67 9.45 -10.34
C MET A 2 -1.04 9.42 -8.94
N LYS A 3 -1.33 10.46 -8.16
CA LYS A 3 -0.85 10.54 -6.79
C LYS A 3 -2.00 10.26 -5.82
N LYS A 4 -2.55 9.06 -5.91
CA LYS A 4 -3.62 8.65 -5.02
C LYS A 4 -3.12 7.60 -4.05
N ARG A 5 -1.83 7.67 -3.75
CA ARG A 5 -1.17 6.68 -2.91
C ARG A 5 -1.37 7.00 -1.42
N THR A 6 -2.59 7.36 -1.07
CA THR A 6 -2.94 7.67 0.30
C THR A 6 -3.38 6.40 1.04
N TYR A 7 -4.04 5.51 0.32
CA TYR A 7 -4.60 4.33 0.91
C TYR A 7 -3.89 3.08 0.40
N CYS A 8 -3.91 2.04 1.22
CA CYS A 8 -3.24 0.78 0.90
C CYS A 8 -3.72 0.22 -0.43
N THR A 9 -2.77 -0.05 -1.32
CA THR A 9 -3.05 -0.53 -2.66
C THR A 9 -3.74 -1.89 -2.65
N TYR A 10 -3.50 -2.67 -1.61
CA TYR A 10 -4.10 -4.00 -1.48
C TYR A 10 -5.48 -3.91 -0.85
N CYS A 11 -5.72 -2.82 -0.15
CA CYS A 11 -7.02 -2.58 0.47
C CYS A 11 -7.91 -1.78 -0.48
N PRO A 12 -9.22 -2.00 -0.44
CA PRO A 12 -10.16 -1.22 -1.24
C PRO A 12 -10.20 0.23 -0.76
N SER A 13 -9.99 1.16 -1.68
CA SER A 13 -9.90 2.58 -1.35
C SER A 13 -11.19 3.11 -0.71
N LYS A 14 -12.30 2.42 -0.95
CA LYS A 14 -13.59 2.81 -0.37
C LYS A 14 -13.73 2.30 1.06
N ILE A 15 -12.77 1.48 1.49
CA ILE A 15 -12.73 1.01 2.87
C ILE A 15 -11.84 1.94 3.71
N ARG A 16 -11.12 2.80 2.99
CA ARG A 16 -10.33 3.88 3.58
C ARG A 16 -9.24 3.35 4.52
N ARG A 17 -8.54 2.32 4.08
CA ARG A 17 -7.44 1.78 4.86
C ARG A 17 -6.17 2.55 4.57
N LYS A 18 -5.75 3.36 5.54
CA LYS A 18 -4.60 4.22 5.39
C LYS A 18 -3.33 3.39 5.25
N ALA A 19 -2.50 3.76 4.28
CA ALA A 19 -1.25 3.05 4.06
C ALA A 19 -0.18 3.53 5.03
N ASN A 20 0.03 2.76 6.10
CA ASN A 20 1.05 3.10 7.08
C ASN A 20 2.41 2.59 6.66
N ALA A 21 2.47 2.05 5.44
CA ALA A 21 3.70 1.48 4.92
C ALA A 21 3.74 1.58 3.40
N SER A 22 4.89 1.27 2.83
CA SER A 22 5.05 1.27 1.39
C SER A 22 6.03 0.17 0.98
N CYS A 23 5.69 -0.55 -0.08
CA CYS A 23 6.57 -1.58 -0.62
C CYS A 23 7.71 -0.91 -1.35
N LYS A 24 8.90 -0.99 -0.78
CA LYS A 24 10.06 -0.28 -1.29
C LYS A 24 10.50 -0.82 -2.65
N LYS A 25 10.02 -1.99 -3.00
CA LYS A 25 10.40 -2.64 -4.25
C LYS A 25 9.66 -2.03 -5.44
N CYS A 26 8.43 -1.54 -5.23
CA CYS A 26 7.64 -0.98 -6.34
C CYS A 26 7.06 0.39 -6.01
N LYS A 27 7.24 0.84 -4.77
CA LYS A 27 6.71 2.11 -4.30
C LYS A 27 5.18 2.12 -4.31
N LYS A 28 4.58 0.96 -4.09
CA LYS A 28 3.14 0.87 -3.86
C LYS A 28 2.87 0.91 -2.37
N VAL A 29 1.99 1.80 -1.96
CA VAL A 29 1.68 1.97 -0.55
C VAL A 29 0.78 0.85 -0.06
N ILE A 30 1.05 0.39 1.17
CA ILE A 30 0.31 -0.73 1.74
C ILE A 30 0.05 -0.49 3.22
N CYS A 31 -0.86 -1.24 3.78
CA CYS A 31 -1.19 -1.13 5.19
C CYS A 31 -0.38 -2.16 5.97
N ARG A 32 -0.04 -1.84 7.21
CA ARG A 32 0.71 -2.75 8.07
C ARG A 32 -0.16 -3.92 8.49
N GLU A 33 -1.42 -3.86 8.10
CA GLU A 33 -2.36 -4.94 8.32
C GLU A 33 -2.25 -5.94 7.18
N HIS A 34 -1.58 -5.53 6.12
CA HIS A 34 -1.32 -6.40 4.97
C HIS A 34 0.16 -6.81 4.97
N ASN A 35 1.04 -5.85 5.23
CA ASN A 35 2.47 -6.13 5.36
C ASN A 35 3.19 -4.87 5.85
N ILE A 36 4.43 -5.04 6.27
CA ILE A 36 5.20 -3.96 6.86
C ILE A 36 5.95 -3.14 5.80
N ASP A 37 6.40 -3.79 4.72
CA ASP A 37 7.12 -3.06 3.66
C ASP A 37 7.28 -3.86 2.37
N MET A 38 6.60 -4.99 2.25
CA MET A 38 6.76 -5.85 1.07
C MET A 38 5.41 -6.26 0.52
N CYS A 39 5.19 -6.00 -0.76
CA CYS A 39 3.96 -6.44 -1.40
C CYS A 39 4.22 -7.76 -2.13
N GLN A 40 3.16 -8.54 -2.31
CA GLN A 40 3.29 -9.89 -2.89
C GLN A 40 3.53 -9.85 -4.39
N SER A 41 3.41 -8.67 -4.98
CA SER A 41 3.66 -8.51 -6.40
C SER A 41 5.15 -8.32 -6.66
N CYS A 42 5.94 -8.35 -5.58
CA CYS A 42 7.37 -8.18 -5.67
C CYS A 42 8.10 -9.40 -5.12
N PHE A 43 9.43 -9.37 -5.25
CA PHE A 43 10.31 -10.40 -4.69
C PHE A 43 9.92 -11.79 -5.18
N VAL A 1 -6.57 11.56 -10.66
CA VAL A 1 -6.38 10.90 -9.35
C VAL A 1 -4.94 11.09 -8.87
N MET A 2 -4.76 11.95 -7.89
CA MET A 2 -3.44 12.24 -7.35
C MET A 2 -3.37 11.84 -5.88
N LYS A 3 -2.15 11.60 -5.40
CA LYS A 3 -1.93 11.15 -4.03
C LYS A 3 -2.59 9.79 -3.80
N LYS A 4 -2.24 8.84 -4.64
CA LYS A 4 -2.76 7.49 -4.53
C LYS A 4 -1.99 6.73 -3.45
N ARG A 5 -0.76 7.19 -3.22
CA ARG A 5 0.12 6.54 -2.25
C ARG A 5 -0.35 6.77 -0.81
N THR A 6 -1.40 7.55 -0.64
CA THR A 6 -1.97 7.77 0.67
C THR A 6 -2.79 6.56 1.11
N TYR A 7 -3.31 5.84 0.13
CA TYR A 7 -4.18 4.71 0.41
C TYR A 7 -3.53 3.40 -0.01
N CYS A 8 -3.68 2.41 0.86
CA CYS A 8 -3.07 1.09 0.65
C CYS A 8 -3.54 0.46 -0.65
N THR A 9 -2.56 0.05 -1.45
CA THR A 9 -2.80 -0.56 -2.76
C THR A 9 -3.48 -1.92 -2.61
N TYR A 10 -3.17 -2.61 -1.51
CA TYR A 10 -3.73 -3.93 -1.26
C TYR A 10 -5.11 -3.85 -0.63
N CYS A 11 -5.50 -2.64 -0.28
CA CYS A 11 -6.83 -2.39 0.23
C CYS A 11 -7.72 -1.84 -0.86
N PRO A 12 -8.94 -2.38 -0.99
CA PRO A 12 -9.93 -1.87 -1.94
C PRO A 12 -10.18 -0.38 -1.71
N SER A 13 -10.35 0.35 -2.81
CA SER A 13 -10.42 1.80 -2.78
C SER A 13 -11.57 2.31 -1.93
N LYS A 14 -12.59 1.49 -1.73
CA LYS A 14 -13.75 1.88 -0.94
C LYS A 14 -13.50 1.69 0.55
N ILE A 15 -12.40 1.04 0.89
CA ILE A 15 -12.04 0.83 2.29
C ILE A 15 -11.38 2.09 2.85
N ARG A 16 -10.74 2.84 1.95
CA ARG A 16 -10.07 4.09 2.29
C ARG A 16 -9.04 3.89 3.40
N ARG A 17 -8.44 2.72 3.42
CA ARG A 17 -7.43 2.37 4.40
C ARG A 17 -6.10 2.99 4.02
N LYS A 18 -5.59 3.87 4.86
CA LYS A 18 -4.36 4.59 4.57
C LYS A 18 -3.16 3.65 4.69
N ALA A 19 -2.14 3.92 3.91
CA ALA A 19 -0.95 3.08 3.88
C ALA A 19 0.08 3.56 4.90
N ASN A 20 0.71 2.60 5.57
CA ASN A 20 1.70 2.92 6.60
C ASN A 20 3.11 2.72 6.06
N ALA A 21 3.23 1.86 5.07
CA ALA A 21 4.53 1.52 4.51
C ALA A 21 4.47 1.49 3.00
N SER A 22 5.64 1.53 2.37
CA SER A 22 5.73 1.53 0.93
C SER A 22 6.68 0.43 0.46
N CYS A 23 6.24 -0.34 -0.52
CA CYS A 23 7.05 -1.41 -1.09
C CYS A 23 8.20 -0.82 -1.90
N LYS A 24 9.41 -0.94 -1.39
CA LYS A 24 10.60 -0.36 -2.00
C LYS A 24 10.81 -0.87 -3.43
N LYS A 25 10.30 -2.06 -3.72
CA LYS A 25 10.52 -2.69 -5.01
C LYS A 25 9.67 -2.07 -6.13
N CYS A 26 8.43 -1.67 -5.81
CA CYS A 26 7.53 -1.17 -6.85
C CYS A 26 6.95 0.20 -6.50
N LYS A 27 7.28 0.71 -5.31
CA LYS A 27 6.80 2.01 -4.84
C LYS A 27 5.29 2.03 -4.58
N LYS A 28 4.67 0.85 -4.54
CA LYS A 28 3.27 0.75 -4.17
C LYS A 28 3.14 0.69 -2.66
N VAL A 29 2.10 1.33 -2.13
CA VAL A 29 1.97 1.50 -0.69
C VAL A 29 1.04 0.46 -0.09
N ILE A 30 1.31 0.10 1.16
CA ILE A 30 0.57 -0.94 1.85
C ILE A 30 0.31 -0.55 3.32
N CYS A 31 -0.82 -1.00 3.84
CA CYS A 31 -1.23 -0.65 5.20
C CYS A 31 -0.57 -1.58 6.21
N ARG A 32 -0.76 -1.29 7.51
CA ARG A 32 -0.10 -2.06 8.56
C ARG A 32 -0.41 -3.55 8.48
N GLU A 33 -1.66 -3.88 8.24
CA GLU A 33 -2.06 -5.28 8.16
C GLU A 33 -1.81 -5.85 6.76
N HIS A 34 -1.14 -5.09 5.91
CA HIS A 34 -0.77 -5.55 4.58
C HIS A 34 0.71 -5.29 4.28
N ASN A 35 1.46 -4.84 5.28
CA ASN A 35 2.85 -4.44 5.02
C ASN A 35 3.84 -5.48 5.50
N ILE A 36 4.72 -5.87 4.57
CA ILE A 36 5.90 -6.65 4.89
C ILE A 36 7.12 -5.75 4.68
N ASP A 37 6.84 -4.44 4.56
CA ASP A 37 7.79 -3.46 4.04
C ASP A 37 8.16 -3.84 2.62
N MET A 38 7.28 -4.62 2.04
CA MET A 38 7.39 -5.13 0.69
C MET A 38 6.05 -5.77 0.35
N CYS A 39 5.54 -5.52 -0.83
CA CYS A 39 4.25 -6.05 -1.20
C CYS A 39 4.41 -7.47 -1.72
N GLN A 40 3.36 -8.25 -1.56
CA GLN A 40 3.37 -9.69 -1.82
C GLN A 40 3.76 -10.01 -3.28
N SER A 41 3.60 -9.04 -4.16
CA SER A 41 3.93 -9.22 -5.57
C SER A 41 5.44 -9.10 -5.81
N CYS A 42 6.14 -8.49 -4.86
CA CYS A 42 7.59 -8.34 -4.98
C CYS A 42 8.31 -9.23 -3.98
N PHE A 43 7.56 -9.79 -3.04
CA PHE A 43 8.14 -10.62 -1.99
C PHE A 43 8.36 -12.03 -2.50
#